data_9JEB
#
_entry.id   9JEB
#
_cell.length_a   190.399
_cell.length_b   190.399
_cell.length_c   60.138
_cell.angle_alpha   90.00
_cell.angle_beta   90.00
_cell.angle_gamma   120.00
#
_symmetry.space_group_name_H-M   'P 62'
#
loop_
_entity.id
_entity.type
_entity.pdbx_description
1 polymer 'N1 scFv'
2 polymer 'Spike protein S1'
3 non-polymer 2-acetamido-2-deoxy-beta-D-glucopyranose
4 water water
#
loop_
_entity_poly.entity_id
_entity_poly.type
_entity_poly.pdbx_seq_one_letter_code
_entity_poly.pdbx_strand_id
1 'polypeptide(L)'
;EVHLVESGGGVVQPGRSLKLSCAASGFTFSSYGMHWVRQAPGKGLEWVAVISHDGSSKFYADSVKGRFTISRDNSKNTLY
LQMNSLRAEDTAVYYCAKEFYDSGNYRPELFDYWGQGTTITVSSGGGGSGGGGSGGGGSEIVLTQSPSSLSASVGDRVTI
TCRASQSISSYLNWYQQKPGKAPKLLIYAASSLQSGVPSRFSGSGSGTDFTLTISSLQPEDFATYYCQQSYSTPPWTFGQ
GTKVEIK
;
A,C
2 'polypeptide(L)'
;TNLCPFGEVFNATRFASVYAWNRKRISNCVADYSVLYNSASFSTFKCYGVSPTKLNDLCFTNVYADSFVIRGDEVRQIAP
GQTGKIADYNYKLPDDFTGCVIAWNSNNLDSKVGGNYNYLYRLFRKSNLKPFERDISTEIYQAGSTPCNGVEGFNCYFPL
QSYGFQPTNGVGYQPYRVVVLSFELLHAPATVCGPKK
;
B,D
#
loop_
_chem_comp.id
_chem_comp.type
_chem_comp.name
_chem_comp.formula
NAG D-saccharide, beta linking 2-acetamido-2-deoxy-beta-D-glucopyranose 'C8 H15 N O6'
#
# COMPACT_ATOMS: atom_id res chain seq x y z
N GLU A 1 10.16 13.14 13.37
CA GLU A 1 9.87 12.40 14.62
C GLU A 1 8.37 12.32 14.87
N VAL A 2 7.55 12.95 14.04
CA VAL A 2 6.07 12.83 14.22
C VAL A 2 5.66 11.40 13.82
N HIS A 3 4.89 10.72 14.67
CA HIS A 3 4.38 9.39 14.31
C HIS A 3 2.89 9.31 14.59
N LEU A 4 2.17 8.66 13.68
CA LEU A 4 0.73 8.48 13.79
C LEU A 4 0.42 7.05 13.42
N VAL A 5 -0.22 6.31 14.33
CA VAL A 5 -0.48 4.88 14.14
C VAL A 5 -1.96 4.61 14.34
N GLU A 6 -2.67 4.35 13.25
CA GLU A 6 -4.07 3.94 13.28
C GLU A 6 -4.23 2.46 13.56
N SER A 7 -5.33 2.12 14.22
CA SER A 7 -5.71 0.74 14.47
C SER A 7 -7.22 0.68 14.64
N GLY A 8 -7.74 -0.54 14.67
CA GLY A 8 -9.15 -0.79 14.91
C GLY A 8 -9.92 -1.25 13.70
N GLY A 9 -9.29 -1.30 12.52
CA GLY A 9 -10.01 -1.70 11.34
C GLY A 9 -10.33 -3.18 11.33
N GLY A 10 -11.19 -3.56 10.39
CA GLY A 10 -11.51 -4.96 10.15
C GLY A 10 -12.62 -5.08 9.13
N VAL A 11 -13.13 -6.31 8.98
CA VAL A 11 -14.30 -6.60 8.16
C VAL A 11 -15.53 -6.69 9.06
N VAL A 12 -16.62 -6.05 8.65
CA VAL A 12 -17.85 -5.97 9.43
C VAL A 12 -19.02 -5.97 8.47
N GLN A 13 -20.19 -6.31 8.99
CA GLN A 13 -21.42 -6.24 8.22
C GLN A 13 -22.01 -4.84 8.29
N PRO A 14 -22.82 -4.48 7.30
CA PRO A 14 -23.57 -3.22 7.37
C PRO A 14 -24.38 -3.13 8.66
N GLY A 15 -24.45 -1.91 9.22
CA GLY A 15 -25.20 -1.66 10.43
C GLY A 15 -24.44 -1.85 11.73
N ARG A 16 -23.29 -2.52 11.70
CA ARG A 16 -22.39 -2.65 12.84
C ARG A 16 -21.59 -1.40 13.14
N SER A 17 -20.86 -1.49 14.25
CA SER A 17 -20.10 -0.39 14.80
C SER A 17 -18.66 -0.79 14.93
N LEU A 18 -17.79 0.23 14.91
CA LEU A 18 -16.36 0.01 14.92
C LEU A 18 -15.71 1.28 15.45
N LYS A 19 -14.80 1.16 16.40
CA LYS A 19 -14.06 2.32 16.90
C LYS A 19 -12.65 2.28 16.34
N LEU A 20 -12.23 3.36 15.68
CA LEU A 20 -10.84 3.49 15.28
C LEU A 20 -10.07 4.31 16.29
N SER A 21 -8.77 4.02 16.39
CA SER A 21 -7.87 4.77 17.25
C SER A 21 -6.64 5.17 16.45
N CYS A 22 -6.09 6.32 16.83
CA CYS A 22 -4.86 6.88 16.29
C CYS A 22 -3.97 7.32 17.43
N ALA A 23 -2.84 6.62 17.62
CA ALA A 23 -1.87 6.93 18.64
C ALA A 23 -0.80 7.86 18.08
N ALA A 24 -0.63 9.03 18.69
CA ALA A 24 0.27 10.06 18.21
C ALA A 24 1.50 10.15 19.11
N SER A 25 2.65 10.43 18.50
CA SER A 25 3.86 10.73 19.25
C SER A 25 4.76 11.62 18.40
N GLY A 26 5.76 12.21 19.06
CA GLY A 26 6.73 13.03 18.38
C GLY A 26 6.33 14.48 18.22
N PHE A 27 5.24 14.90 18.84
CA PHE A 27 4.82 16.31 18.81
C PHE A 27 3.88 16.52 19.99
N THR A 28 3.57 17.78 20.26
CA THR A 28 2.67 18.09 21.37
C THR A 28 1.23 17.89 20.90
N PHE A 29 0.68 16.70 21.17
CA PHE A 29 -0.62 16.31 20.60
C PHE A 29 -1.72 17.31 20.94
N SER A 30 -1.77 17.80 22.18
CA SER A 30 -2.82 18.72 22.62
C SER A 30 -2.72 20.10 21.99
N SER A 31 -1.68 20.40 21.22
CA SER A 31 -1.59 21.71 20.59
C SER A 31 -2.23 21.77 19.21
N TYR A 32 -2.65 20.62 18.64
CA TYR A 32 -3.03 20.54 17.24
C TYR A 32 -4.41 19.94 17.06
N GLY A 33 -5.17 20.51 16.11
CA GLY A 33 -6.34 19.81 15.61
C GLY A 33 -5.94 18.53 14.89
N MET A 34 -6.89 17.62 14.76
CA MET A 34 -6.65 16.34 14.11
C MET A 34 -7.81 16.02 13.19
N HIS A 35 -7.53 15.29 12.11
CA HIS A 35 -8.53 14.90 11.13
C HIS A 35 -8.51 13.40 10.90
N TRP A 36 -9.64 12.91 10.41
CA TRP A 36 -9.71 11.62 9.74
C TRP A 36 -9.98 11.88 8.25
N VAL A 37 -9.26 11.19 7.38
CA VAL A 37 -9.44 11.23 5.92
C VAL A 37 -9.47 9.78 5.44
N ARG A 38 -10.34 9.47 4.48
CA ARG A 38 -10.42 8.08 4.05
C ARG A 38 -10.21 7.95 2.54
N GLN A 39 -9.96 6.71 2.10
CA GLN A 39 -9.72 6.43 0.69
C GLN A 39 -10.31 5.07 0.35
N ALA A 40 -11.40 5.06 -0.42
CA ALA A 40 -11.99 3.81 -0.87
C ALA A 40 -11.04 3.12 -1.86
N PRO A 41 -11.06 1.78 -1.92
CA PRO A 41 -10.15 1.07 -2.83
C PRO A 41 -10.25 1.57 -4.26
N GLY A 42 -9.09 1.91 -4.84
CA GLY A 42 -9.02 2.44 -6.19
C GLY A 42 -9.50 3.85 -6.38
N LYS A 43 -9.87 4.58 -5.32
CA LYS A 43 -10.47 5.91 -5.44
C LYS A 43 -9.59 6.96 -4.77
N GLY A 44 -10.08 8.20 -4.72
CA GLY A 44 -9.30 9.31 -4.21
C GLY A 44 -9.53 9.55 -2.72
N LEU A 45 -8.93 10.62 -2.23
CA LEU A 45 -8.97 10.97 -0.81
C LEU A 45 -10.26 11.73 -0.51
N GLU A 46 -10.90 11.40 0.61
CA GLU A 46 -12.16 12.01 1.02
C GLU A 46 -12.07 12.38 2.49
N TRP A 47 -12.20 13.68 2.79
CA TRP A 47 -12.16 14.14 4.17
C TRP A 47 -13.39 13.63 4.93
N VAL A 48 -13.18 13.19 6.17
CA VAL A 48 -14.23 12.58 7.01
C VAL A 48 -14.64 13.50 8.16
N ALA A 49 -13.67 13.94 8.97
CA ALA A 49 -14.01 14.63 10.22
C ALA A 49 -12.79 15.38 10.78
N VAL A 50 -13.07 16.37 11.64
CA VAL A 50 -12.05 17.20 12.28
C VAL A 50 -12.42 17.44 13.73
N ILE A 51 -11.41 17.55 14.59
CA ILE A 51 -11.61 17.93 15.98
C ILE A 51 -10.53 18.92 16.38
N SER A 52 -10.94 19.97 17.10
CA SER A 52 -9.99 21.01 17.52
C SER A 52 -9.09 20.44 18.62
N HIS A 53 -8.08 21.23 19.00
CA HIS A 53 -7.03 20.72 19.87
C HIS A 53 -7.58 20.29 21.23
N ASP A 54 -8.60 20.97 21.74
CA ASP A 54 -9.18 20.57 23.02
C ASP A 54 -10.49 19.82 22.88
N GLY A 55 -10.90 19.46 21.66
CA GLY A 55 -12.13 18.71 21.49
C GLY A 55 -13.40 19.52 21.46
N SER A 56 -13.32 20.85 21.58
CA SER A 56 -14.51 21.68 21.69
C SER A 56 -15.20 21.95 20.35
N SER A 57 -14.50 21.84 19.23
CA SER A 57 -15.11 22.04 17.93
C SER A 57 -14.93 20.78 17.08
N LYS A 58 -16.01 20.36 16.41
CA LYS A 58 -16.03 19.12 15.62
C LYS A 58 -16.87 19.36 14.37
N PHE A 59 -16.40 18.89 13.21
CA PHE A 59 -17.17 18.93 11.96
C PHE A 59 -17.00 17.59 11.24
N TYR A 60 -17.99 17.29 10.38
CA TYR A 60 -18.12 15.98 9.73
C TYR A 60 -18.49 16.18 8.27
N ALA A 61 -18.04 15.26 7.43
CA ALA A 61 -18.56 15.19 6.07
C ALA A 61 -20.04 14.84 6.07
N ASP A 62 -20.78 15.38 5.12
CA ASP A 62 -22.21 15.12 5.06
C ASP A 62 -22.50 13.62 4.99
N SER A 63 -21.69 12.85 4.26
CA SER A 63 -21.98 11.43 4.12
C SER A 63 -21.88 10.67 5.44
N VAL A 64 -21.26 11.21 6.50
CA VAL A 64 -21.11 10.48 7.75
C VAL A 64 -21.81 11.16 8.90
N LYS A 65 -22.44 12.31 8.68
CA LYS A 65 -23.03 13.08 9.77
C LYS A 65 -24.10 12.23 10.43
N GLY A 66 -24.13 12.22 11.76
CA GLY A 66 -25.08 11.45 12.51
C GLY A 66 -24.72 10.01 12.75
N ARG A 67 -23.71 9.47 12.04
CA ARG A 67 -23.27 8.10 12.23
C ARG A 67 -21.89 7.99 12.85
N PHE A 68 -20.99 8.93 12.56
CA PHE A 68 -19.62 8.93 13.04
C PHE A 68 -19.44 9.99 14.12
N THR A 69 -18.60 9.69 15.11
CA THR A 69 -18.27 10.65 16.15
C THR A 69 -16.76 10.71 16.29
N ILE A 70 -16.17 11.90 16.19
CA ILE A 70 -14.74 12.06 16.37
C ILE A 70 -14.49 12.46 17.83
N SER A 71 -13.39 11.98 18.39
CA SER A 71 -13.13 12.08 19.82
C SER A 71 -11.63 12.16 20.03
N ARG A 72 -11.20 12.71 21.17
CA ARG A 72 -9.78 12.64 21.48
C ARG A 72 -9.58 12.57 22.99
N ASP A 73 -8.46 11.94 23.39
CA ASP A 73 -8.02 11.87 24.78
C ASP A 73 -6.61 12.44 24.80
N ASN A 74 -6.45 13.70 25.20
CA ASN A 74 -5.11 14.28 25.14
C ASN A 74 -4.17 13.71 26.18
N SER A 75 -4.71 13.15 27.27
CA SER A 75 -3.84 12.50 28.25
C SER A 75 -3.23 11.23 27.70
N LYS A 76 -3.89 10.55 26.76
CA LYS A 76 -3.35 9.37 26.13
C LYS A 76 -2.77 9.62 24.73
N ASN A 77 -2.69 10.87 24.29
CA ASN A 77 -2.28 11.22 22.93
C ASN A 77 -2.94 10.32 21.88
N THR A 78 -4.26 10.20 21.97
CA THR A 78 -4.96 9.29 21.08
C THR A 78 -6.19 9.99 20.50
N LEU A 79 -6.37 9.83 19.19
CA LEU A 79 -7.56 10.26 18.47
C LEU A 79 -8.45 9.06 18.18
N TYR A 80 -9.77 9.27 18.21
CA TYR A 80 -10.75 8.21 17.99
C TYR A 80 -11.71 8.59 16.88
N LEU A 81 -12.29 7.57 16.24
CA LEU A 81 -13.45 7.73 15.37
C LEU A 81 -14.40 6.60 15.70
N GLN A 82 -15.54 6.94 16.29
CA GLN A 82 -16.60 5.97 16.57
C GLN A 82 -17.52 5.92 15.36
N MET A 83 -17.54 4.77 14.67
CA MET A 83 -18.33 4.65 13.44
C MET A 83 -19.49 3.72 13.73
N ASN A 84 -20.69 4.26 13.71
CA ASN A 84 -21.91 3.48 13.90
C ASN A 84 -22.68 3.41 12.59
N SER A 85 -23.62 2.47 12.53
CA SER A 85 -24.50 2.31 11.36
C SER A 85 -23.70 2.21 10.08
N LEU A 86 -22.62 1.42 10.13
CA LEU A 86 -21.69 1.36 9.01
C LEU A 86 -22.38 0.84 7.77
N ARG A 87 -21.82 1.17 6.62
CA ARG A 87 -22.43 0.73 5.38
C ARG A 87 -21.40 0.62 4.28
N ALA A 88 -21.84 -0.02 3.18
CA ALA A 88 -20.93 -0.51 2.16
C ALA A 88 -19.98 0.57 1.68
N GLU A 89 -20.50 1.78 1.45
CA GLU A 89 -19.65 2.85 0.94
C GLU A 89 -18.80 3.52 2.01
N ASP A 90 -18.83 3.04 3.25
CA ASP A 90 -17.79 3.38 4.24
C ASP A 90 -16.51 2.56 4.08
N THR A 91 -16.50 1.57 3.19
CA THR A 91 -15.32 0.76 2.99
C THR A 91 -14.17 1.64 2.47
N ALA A 92 -13.02 1.59 3.14
CA ALA A 92 -11.92 2.49 2.81
C ALA A 92 -10.76 2.24 3.77
N VAL A 93 -9.58 2.74 3.38
CA VAL A 93 -8.50 2.96 4.33
C VAL A 93 -8.76 4.29 5.04
N TYR A 94 -8.66 4.28 6.38
CA TYR A 94 -8.87 5.47 7.18
C TYR A 94 -7.53 5.96 7.72
N TYR A 95 -7.21 7.23 7.45
CA TYR A 95 -5.98 7.86 7.91
C TYR A 95 -6.28 8.90 8.97
N CYS A 96 -5.45 8.97 10.02
CA CYS A 96 -5.49 10.16 10.85
C CYS A 96 -4.41 11.12 10.39
N ALA A 97 -4.69 12.42 10.53
CA ALA A 97 -3.81 13.47 10.05
C ALA A 97 -3.70 14.59 11.08
N LYS A 98 -2.46 15.02 11.32
CA LYS A 98 -2.16 16.15 12.17
C LYS A 98 -2.29 17.43 11.35
N GLU A 99 -2.86 18.46 11.98
CA GLU A 99 -3.00 19.84 11.43
C GLU A 99 -1.61 20.51 11.37
N PHE A 100 -1.57 21.65 10.69
CA PHE A 100 -0.31 22.28 10.32
C PHE A 100 0.05 23.47 11.18
N TYR A 101 -0.91 24.27 11.61
CA TYR A 101 -0.63 25.48 12.36
C TYR A 101 -1.05 25.29 13.82
N ASP A 102 -0.62 26.21 14.68
CA ASP A 102 -0.97 26.07 16.09
C ASP A 102 -2.36 26.65 16.34
N SER A 103 -2.82 26.53 17.59
CA SER A 103 -4.24 26.80 17.88
C SER A 103 -4.63 28.27 17.77
N GLY A 104 -3.66 29.21 17.82
CA GLY A 104 -3.99 30.61 17.72
C GLY A 104 -3.86 31.20 16.33
N ASN A 105 -3.53 30.37 15.34
CA ASN A 105 -3.34 30.80 13.96
C ASN A 105 -4.67 30.74 13.21
N TYR A 106 -5.06 31.85 12.58
CA TYR A 106 -6.35 31.91 11.89
C TYR A 106 -6.37 31.12 10.58
N ARG A 107 -5.22 30.72 10.07
CA ARG A 107 -5.12 30.34 8.67
C ARG A 107 -5.88 29.05 8.35
N PRO A 108 -6.44 28.97 7.15
CA PRO A 108 -7.02 27.71 6.68
C PRO A 108 -6.07 26.54 6.91
N GLU A 109 -6.62 25.43 7.41
CA GLU A 109 -5.81 24.32 7.88
C GLU A 109 -5.67 23.23 6.83
N LEU A 110 -4.73 22.31 7.09
CA LEU A 110 -4.32 21.32 6.09
C LEU A 110 -3.61 20.19 6.84
N PHE A 111 -3.24 19.17 6.08
CA PHE A 111 -2.79 17.87 6.63
C PHE A 111 -1.27 17.73 6.64
N ASP A 112 -0.63 18.16 7.73
CA ASP A 112 0.85 18.15 7.84
C ASP A 112 1.42 16.72 7.74
N TYR A 113 0.94 15.82 8.58
CA TYR A 113 1.46 14.43 8.63
C TYR A 113 0.29 13.47 8.75
N TRP A 114 0.46 12.31 8.11
CA TRP A 114 -0.57 11.28 8.05
C TRP A 114 -0.02 9.98 8.59
N GLY A 115 -0.86 9.18 9.26
CA GLY A 115 -0.46 7.82 9.57
C GLY A 115 -0.61 6.89 8.38
N GLN A 116 -0.15 5.65 8.53
CA GLN A 116 -0.23 4.73 7.39
C GLN A 116 -1.62 4.15 7.16
N GLY A 117 -2.54 4.29 8.09
CA GLY A 117 -3.91 3.94 7.79
C GLY A 117 -4.32 2.62 8.42
N THR A 118 -5.64 2.46 8.57
CA THR A 118 -6.23 1.19 8.99
C THR A 118 -7.42 0.90 8.08
N THR A 119 -7.57 -0.37 7.69
CA THR A 119 -8.54 -0.75 6.67
C THR A 119 -9.86 -1.21 7.27
N ILE A 120 -10.93 -0.71 6.69
CA ILE A 120 -12.30 -1.11 6.97
C ILE A 120 -12.95 -1.60 5.70
N THR A 121 -13.54 -2.79 5.78
CA THR A 121 -14.33 -3.38 4.71
C THR A 121 -15.71 -3.71 5.28
N VAL A 122 -16.75 -3.19 4.62
CA VAL A 122 -18.13 -3.45 5.00
C VAL A 122 -18.70 -4.42 3.96
N SER A 123 -19.06 -5.62 4.44
CA SER A 123 -19.50 -6.78 3.63
C SER A 123 -20.89 -6.61 2.99
N SER A 124 -21.24 -7.54 2.11
CA SER A 124 -22.53 -7.51 1.36
C SER A 124 -23.67 -7.94 2.29
N GLU A 140 -20.14 22.55 -1.87
CA GLU A 140 -18.70 22.31 -1.63
C GLU A 140 -17.87 22.74 -2.85
N ILE A 141 -16.59 23.01 -2.64
CA ILE A 141 -15.72 23.44 -3.77
C ILE A 141 -15.17 22.20 -4.45
N VAL A 142 -15.32 22.15 -5.75
CA VAL A 142 -14.88 20.98 -6.53
C VAL A 142 -13.55 21.27 -7.21
N LEU A 143 -12.60 20.36 -7.08
CA LEU A 143 -11.29 20.46 -7.70
C LEU A 143 -11.11 19.37 -8.75
N THR A 144 -10.60 19.77 -9.92
CA THR A 144 -10.39 18.89 -11.07
C THR A 144 -8.93 18.97 -11.49
N GLN A 145 -8.31 17.81 -11.64
CA GLN A 145 -6.88 17.77 -11.94
C GLN A 145 -6.69 17.33 -13.38
N SER A 146 -5.59 17.80 -13.97
CA SER A 146 -5.23 17.35 -15.29
C SER A 146 -3.72 17.24 -15.38
N PRO A 147 -3.19 16.22 -16.09
CA PRO A 147 -3.99 15.10 -16.62
C PRO A 147 -4.41 14.11 -15.53
N SER A 148 -5.07 13.04 -15.95
CA SER A 148 -5.44 11.97 -15.02
C SER A 148 -4.26 11.04 -14.77
N SER A 149 -3.45 10.79 -15.79
CA SER A 149 -2.27 9.97 -15.65
C SER A 149 -1.30 10.37 -16.74
N LEU A 150 -0.02 10.14 -16.48
CA LEU A 150 1.02 10.49 -17.44
C LEU A 150 2.21 9.58 -17.18
N SER A 151 2.97 9.33 -18.24
CA SER A 151 4.20 8.56 -18.19
C SER A 151 5.34 9.47 -18.64
N ALA A 152 6.45 9.47 -17.89
CA ALA A 152 7.59 10.31 -18.22
C ALA A 152 8.87 9.60 -17.81
N SER A 153 10.01 10.19 -18.17
CA SER A 153 11.31 9.57 -17.89
C SER A 153 12.04 10.35 -16.80
N VAL A 154 13.01 9.67 -16.18
CA VAL A 154 13.88 10.36 -15.22
C VAL A 154 14.52 11.55 -15.90
N GLY A 155 14.52 12.70 -15.22
CA GLY A 155 15.05 13.93 -15.75
C GLY A 155 14.03 14.85 -16.39
N ASP A 156 12.83 14.36 -16.71
CA ASP A 156 11.81 15.17 -17.38
C ASP A 156 11.13 16.15 -16.43
N ARG A 157 10.56 17.20 -17.02
CA ARG A 157 9.65 18.07 -16.30
C ARG A 157 8.23 17.50 -16.35
N VAL A 158 7.55 17.50 -15.22
CA VAL A 158 6.16 17.05 -15.13
C VAL A 158 5.35 18.23 -14.61
N THR A 159 4.24 18.51 -15.26
CA THR A 159 3.36 19.63 -14.94
C THR A 159 1.98 19.07 -14.64
N ILE A 160 1.41 19.40 -13.46
CA ILE A 160 0.07 18.92 -13.11
C ILE A 160 -0.80 20.14 -12.79
N THR A 161 -1.98 20.19 -13.39
CA THR A 161 -2.87 21.33 -13.21
C THR A 161 -4.00 20.97 -12.26
N CYS A 162 -4.43 21.95 -11.47
CA CYS A 162 -5.59 21.79 -10.61
C CYS A 162 -6.48 23.02 -10.81
N ARG A 163 -7.75 22.81 -11.16
CA ARG A 163 -8.71 23.90 -11.30
C ARG A 163 -9.78 23.77 -10.23
N ALA A 164 -10.15 24.90 -9.63
CA ALA A 164 -11.20 24.95 -8.61
C ALA A 164 -12.49 25.52 -9.19
N SER A 165 -13.63 24.99 -8.74
CA SER A 165 -14.94 25.40 -9.25
C SER A 165 -15.28 26.83 -8.87
N GLN A 166 -14.45 27.44 -8.04
CA GLN A 166 -14.72 28.64 -7.28
C GLN A 166 -13.38 29.13 -6.73
N SER A 167 -13.22 30.44 -6.63
CA SER A 167 -11.93 30.97 -6.21
C SER A 167 -11.58 30.48 -4.80
N ILE A 168 -10.34 30.01 -4.64
CA ILE A 168 -9.89 29.56 -3.33
C ILE A 168 -8.69 30.38 -2.87
N SER A 169 -8.47 31.54 -3.49
CA SER A 169 -7.35 32.42 -3.18
C SER A 169 -6.02 31.67 -3.27
N SER A 170 -5.26 31.60 -2.18
CA SER A 170 -3.97 30.92 -2.14
C SER A 170 -4.02 29.55 -1.43
N TYR A 171 -5.18 29.13 -0.94
CA TYR A 171 -5.23 28.00 0.00
C TYR A 171 -5.43 26.67 -0.74
N LEU A 172 -4.38 26.28 -1.44
CA LEU A 172 -4.41 25.11 -2.28
C LEU A 172 -3.14 24.32 -1.93
N ASN A 173 -3.30 23.05 -1.54
CA ASN A 173 -2.17 22.25 -1.12
C ASN A 173 -2.03 21.01 -1.99
N TRP A 174 -0.82 20.45 -2.02
CA TRP A 174 -0.49 19.29 -2.84
C TRP A 174 0.05 18.16 -1.97
N TYR A 175 -0.44 16.95 -2.22
CA TYR A 175 0.02 15.76 -1.51
C TYR A 175 0.54 14.71 -2.49
N GLN A 176 1.56 13.99 -2.07
CA GLN A 176 2.09 12.85 -2.80
C GLN A 176 1.66 11.58 -2.10
N GLN A 177 1.14 10.62 -2.87
CA GLN A 177 0.79 9.31 -2.30
C GLN A 177 1.46 8.21 -3.14
N LYS A 178 2.60 7.73 -2.64
CA LYS A 178 3.26 6.54 -3.18
C LYS A 178 2.35 5.33 -3.06
N PRO A 179 2.48 4.36 -3.95
CA PRO A 179 1.53 3.24 -3.96
C PRO A 179 1.62 2.46 -2.66
N GLY A 180 0.50 2.38 -1.94
CA GLY A 180 0.48 1.67 -0.69
C GLY A 180 0.87 2.46 0.54
N LYS A 181 1.26 3.71 0.39
CA LYS A 181 1.74 4.52 1.50
C LYS A 181 0.70 5.56 1.87
N ALA A 182 0.88 6.12 3.05
CA ALA A 182 0.13 7.28 3.45
C ALA A 182 0.53 8.50 2.63
N PRO A 183 -0.41 9.39 2.34
CA PRO A 183 -0.06 10.65 1.67
C PRO A 183 0.94 11.46 2.47
N LYS A 184 1.65 12.31 1.73
CA LYS A 184 2.74 13.15 2.19
C LYS A 184 2.48 14.56 1.70
N LEU A 185 2.48 15.55 2.60
CA LEU A 185 2.36 16.94 2.18
C LEU A 185 3.61 17.37 1.41
N LEU A 186 3.42 17.93 0.21
CA LEU A 186 4.51 18.47 -0.59
C LEU A 186 4.55 19.99 -0.56
N ILE A 187 3.41 20.63 -0.85
CA ILE A 187 3.30 22.07 -1.04
C ILE A 187 2.09 22.53 -0.24
N TYR A 188 2.22 23.65 0.47
CA TYR A 188 1.07 24.26 1.11
C TYR A 188 1.00 25.74 0.72
N ALA A 189 -0.22 26.29 0.80
CA ALA A 189 -0.51 27.67 0.43
C ALA A 189 0.01 27.99 -0.98
N ALA A 190 -0.29 27.08 -1.91
CA ALA A 190 -0.04 27.17 -3.35
C ALA A 190 1.44 26.97 -3.72
N SER A 191 2.37 27.51 -2.93
CA SER A 191 3.78 27.49 -3.34
C SER A 191 4.80 27.26 -2.23
N SER A 192 4.40 27.05 -0.98
CA SER A 192 5.38 26.88 0.09
C SER A 192 5.75 25.41 0.22
N LEU A 193 7.05 25.13 0.32
CA LEU A 193 7.56 23.76 0.37
C LEU A 193 7.51 23.21 1.80
N GLN A 194 6.88 22.05 1.97
CA GLN A 194 6.94 21.35 3.26
C GLN A 194 8.38 20.97 3.60
N SER A 195 8.71 20.99 4.90
CA SER A 195 10.09 20.68 5.28
C SER A 195 10.48 19.26 4.86
N GLY A 196 11.71 19.10 4.39
CA GLY A 196 12.19 17.83 3.90
C GLY A 196 11.84 17.53 2.46
N VAL A 197 11.07 18.37 1.80
CA VAL A 197 10.66 18.11 0.42
C VAL A 197 11.75 18.65 -0.51
N PRO A 198 12.21 17.86 -1.47
CA PRO A 198 13.31 18.32 -2.32
C PRO A 198 12.88 19.47 -3.22
N SER A 199 13.88 20.27 -3.60
CA SER A 199 13.67 21.52 -4.31
C SER A 199 13.08 21.32 -5.70
N ARG A 200 13.09 20.10 -6.26
CA ARG A 200 12.52 19.91 -7.58
C ARG A 200 11.00 20.05 -7.61
N PHE A 201 10.34 19.98 -6.45
CA PHE A 201 8.90 20.21 -6.37
C PHE A 201 8.63 21.70 -6.20
N SER A 202 7.74 22.25 -7.01
CA SER A 202 7.32 23.63 -6.79
C SER A 202 5.86 23.81 -7.22
N GLY A 203 5.21 24.79 -6.63
CA GLY A 203 3.82 25.05 -6.92
C GLY A 203 3.60 26.51 -7.23
N SER A 204 2.58 26.77 -8.05
CA SER A 204 2.24 28.13 -8.41
C SER A 204 0.74 28.22 -8.61
N GLY A 205 0.23 29.45 -8.63
CA GLY A 205 -1.14 29.72 -8.97
C GLY A 205 -1.88 30.42 -7.85
N SER A 206 -3.14 30.78 -8.17
CA SER A 206 -4.04 31.49 -7.27
C SER A 206 -5.43 31.47 -7.90
N GLY A 207 -6.43 31.76 -7.08
CA GLY A 207 -7.79 31.87 -7.56
C GLY A 207 -8.38 30.51 -7.88
N THR A 208 -8.47 30.20 -9.16
CA THR A 208 -9.03 28.92 -9.62
C THR A 208 -8.03 28.05 -10.37
N ASP A 209 -6.77 28.47 -10.50
CA ASP A 209 -5.85 27.89 -11.48
C ASP A 209 -4.50 27.68 -10.80
N PHE A 210 -4.10 26.42 -10.62
CA PHE A 210 -2.91 26.08 -9.88
C PHE A 210 -2.13 25.01 -10.63
N THR A 211 -0.82 25.02 -10.44
CA THR A 211 0.06 24.06 -11.12
C THR A 211 1.11 23.52 -10.16
N LEU A 212 1.29 22.20 -10.16
CA LEU A 212 2.42 21.53 -9.52
C LEU A 212 3.42 21.13 -10.60
N THR A 213 4.68 21.48 -10.40
CA THR A 213 5.72 21.05 -11.34
C THR A 213 6.82 20.31 -10.62
N ILE A 214 7.26 19.22 -11.24
CA ILE A 214 8.44 18.48 -10.83
C ILE A 214 9.49 18.74 -11.90
N SER A 215 10.57 19.43 -11.54
CA SER A 215 11.43 19.98 -12.59
C SER A 215 12.32 18.94 -13.25
N SER A 216 12.79 17.93 -12.52
CA SER A 216 13.52 16.82 -13.13
C SER A 216 13.12 15.58 -12.35
N LEU A 217 12.19 14.84 -12.93
CA LEU A 217 11.61 13.65 -12.32
C LEU A 217 12.69 12.64 -11.92
N GLN A 218 12.59 12.13 -10.69
CA GLN A 218 13.49 11.13 -10.14
C GLN A 218 12.78 9.79 -9.98
N PRO A 219 13.54 8.69 -9.87
CA PRO A 219 12.91 7.36 -9.78
C PRO A 219 11.89 7.23 -8.65
N GLU A 220 12.11 7.90 -7.53
CA GLU A 220 11.22 7.76 -6.39
C GLU A 220 10.00 8.66 -6.48
N ASP A 221 9.80 9.35 -7.61
CA ASP A 221 8.68 10.28 -7.74
C ASP A 221 7.44 9.65 -8.32
N PHE A 222 7.47 8.37 -8.71
CA PHE A 222 6.27 7.74 -9.22
C PHE A 222 5.26 7.57 -8.08
N ALA A 223 4.08 8.16 -8.26
CA ALA A 223 3.09 8.30 -7.20
C ALA A 223 1.82 8.88 -7.82
N THR A 224 0.78 8.98 -7.00
CA THR A 224 -0.41 9.76 -7.34
C THR A 224 -0.39 11.08 -6.56
N TYR A 225 -0.62 12.18 -7.27
CA TYR A 225 -0.50 13.51 -6.69
C TYR A 225 -1.91 14.11 -6.57
N TYR A 226 -2.22 14.66 -5.40
CA TYR A 226 -3.56 15.22 -5.12
C TYR A 226 -3.46 16.70 -4.75
N CYS A 227 -4.32 17.52 -5.35
CA CYS A 227 -4.48 18.86 -4.81
C CYS A 227 -5.63 18.86 -3.80
N GLN A 228 -5.61 19.83 -2.87
CA GLN A 228 -6.79 20.03 -2.03
C GLN A 228 -6.86 21.45 -1.50
N GLN A 229 -8.09 21.92 -1.35
CA GLN A 229 -8.36 23.32 -1.01
C GLN A 229 -8.78 23.42 0.45
N SER A 230 -8.25 24.44 1.11
CA SER A 230 -8.54 24.75 2.50
C SER A 230 -9.31 26.06 2.65
N TYR A 231 -9.62 26.76 1.55
CA TYR A 231 -10.26 28.07 1.64
C TYR A 231 -11.62 28.00 2.31
N SER A 232 -12.50 27.12 1.81
CA SER A 232 -13.86 27.04 2.32
C SER A 232 -14.05 25.66 2.94
N THR A 233 -14.16 25.63 4.26
CA THR A 233 -14.21 24.38 5.00
C THR A 233 -15.15 24.57 6.18
N PRO A 234 -15.77 23.47 6.68
CA PRO A 234 -15.77 22.10 6.12
C PRO A 234 -16.66 22.13 4.87
N PRO A 235 -16.54 21.15 3.96
CA PRO A 235 -15.57 20.06 3.98
C PRO A 235 -14.25 20.52 3.37
N TRP A 236 -13.14 19.97 3.84
CA TRP A 236 -11.90 20.03 3.06
C TRP A 236 -12.10 19.15 1.83
N THR A 237 -11.73 19.62 0.65
CA THR A 237 -11.97 18.82 -0.55
C THR A 237 -10.68 18.63 -1.34
N PHE A 238 -10.65 17.53 -2.12
CA PHE A 238 -9.49 17.05 -2.86
C PHE A 238 -9.82 16.95 -4.34
N GLY A 239 -8.81 17.15 -5.17
CA GLY A 239 -8.91 16.74 -6.56
C GLY A 239 -8.95 15.22 -6.67
N GLN A 240 -9.19 14.74 -7.87
CA GLN A 240 -9.36 13.30 -8.05
C GLN A 240 -8.05 12.57 -8.23
N GLY A 241 -6.92 13.27 -8.30
CA GLY A 241 -5.64 12.60 -8.35
C GLY A 241 -5.06 12.52 -9.75
N THR A 242 -3.73 12.61 -9.84
CA THR A 242 -2.97 12.50 -11.09
C THR A 242 -1.90 11.45 -10.88
N LYS A 243 -1.97 10.36 -11.64
CA LYS A 243 -1.00 9.29 -11.47
C LYS A 243 0.23 9.53 -12.37
N VAL A 244 1.41 9.52 -11.76
CA VAL A 244 2.67 9.76 -12.46
C VAL A 244 3.45 8.45 -12.48
N GLU A 245 3.80 7.97 -13.67
CA GLU A 245 4.56 6.74 -13.85
C GLU A 245 5.89 7.04 -14.54
N ILE A 246 6.89 6.21 -14.29
CA ILE A 246 8.24 6.42 -14.83
C ILE A 246 8.46 5.33 -15.85
N LYS A 247 8.67 5.70 -17.12
CA LYS A 247 8.93 4.70 -18.16
C LYS A 247 10.44 4.50 -18.31
N THR B 1 -14.17 42.63 28.66
CA THR B 1 -14.35 41.53 29.63
C THR B 1 -15.76 40.96 29.42
N ASN B 2 -16.66 41.79 28.93
CA ASN B 2 -18.06 41.40 28.65
C ASN B 2 -18.13 40.42 27.47
N LEU B 3 -19.12 39.54 27.50
CA LEU B 3 -19.34 38.53 26.43
C LEU B 3 -19.97 39.21 25.23
N CYS B 4 -19.57 38.82 24.03
CA CYS B 4 -20.16 39.38 22.82
C CYS B 4 -21.64 38.99 22.74
N PRO B 5 -22.50 39.89 22.22
CA PRO B 5 -23.96 39.67 22.21
C PRO B 5 -24.45 38.77 21.08
N PHE B 6 -23.86 37.57 20.97
CA PHE B 6 -24.26 36.63 19.92
C PHE B 6 -25.70 36.17 20.12
N GLY B 7 -26.14 36.05 21.39
CA GLY B 7 -27.50 35.62 21.67
C GLY B 7 -28.51 36.58 21.10
N GLU B 8 -28.21 37.87 21.14
CA GLU B 8 -29.15 38.86 20.56
C GLU B 8 -29.23 38.69 19.04
N VAL B 9 -28.14 38.27 18.42
CA VAL B 9 -28.21 38.07 16.98
C VAL B 9 -28.88 36.76 16.64
N PHE B 10 -28.36 35.66 17.19
CA PHE B 10 -28.86 34.33 16.80
C PHE B 10 -30.25 34.06 17.33
N ASN B 11 -30.63 34.61 18.49
CA ASN B 11 -31.88 34.23 19.12
C ASN B 11 -32.92 35.35 19.08
N ALA B 12 -32.72 36.38 18.24
CA ALA B 12 -33.73 37.41 18.06
C ALA B 12 -35.05 36.80 17.62
N THR B 13 -36.17 37.34 18.12
CA THR B 13 -37.46 36.72 17.81
C THR B 13 -37.81 36.89 16.32
N ARG B 14 -37.62 38.10 15.78
CA ARG B 14 -37.76 38.35 14.35
C ARG B 14 -36.39 38.60 13.76
N PHE B 15 -36.14 38.07 12.55
CA PHE B 15 -35.02 38.57 11.77
C PHE B 15 -35.46 39.58 10.72
N ALA B 16 -34.47 40.24 10.13
CA ALA B 16 -34.69 41.17 9.03
C ALA B 16 -35.08 40.43 7.75
N SER B 17 -35.80 41.13 6.87
CA SER B 17 -35.87 40.70 5.48
C SER B 17 -34.50 40.87 4.83
N VAL B 18 -34.21 40.01 3.84
CA VAL B 18 -32.86 39.99 3.31
C VAL B 18 -32.51 41.30 2.57
N TYR B 19 -33.49 41.97 1.93
CA TYR B 19 -33.12 43.21 1.25
C TYR B 19 -32.69 44.28 2.26
N ALA B 20 -33.23 44.21 3.48
CA ALA B 20 -32.95 45.14 4.55
C ALA B 20 -32.12 44.45 5.63
N TRP B 21 -31.12 43.70 5.20
CA TRP B 21 -30.38 42.85 6.12
C TRP B 21 -29.75 43.65 7.26
N ASN B 22 -29.71 43.01 8.40
CA ASN B 22 -29.35 43.67 9.64
C ASN B 22 -27.87 43.42 9.92
N ARG B 23 -27.18 44.44 10.42
CA ARG B 23 -25.76 44.30 10.79
C ARG B 23 -25.59 44.69 12.24
N LYS B 24 -25.08 43.77 13.05
CA LYS B 24 -24.56 44.02 14.39
C LYS B 24 -23.03 44.11 14.37
N ARG B 25 -22.50 45.23 14.81
CA ARG B 25 -21.03 45.32 14.98
C ARG B 25 -20.69 44.69 16.34
N ILE B 26 -19.78 43.74 16.34
CA ILE B 26 -19.31 43.03 17.52
C ILE B 26 -17.93 43.61 17.85
N SER B 27 -17.82 44.26 19.01
CA SER B 27 -16.63 45.00 19.37
C SER B 27 -16.36 44.89 20.87
N ASN B 28 -15.07 44.93 21.21
CA ASN B 28 -14.59 45.04 22.60
C ASN B 28 -15.34 44.11 23.53
N CYS B 29 -15.21 42.81 23.23
CA CYS B 29 -15.92 41.79 23.99
C CYS B 29 -15.21 40.46 23.78
N VAL B 30 -15.54 39.50 24.65
CA VAL B 30 -15.07 38.14 24.53
C VAL B 30 -16.11 37.37 23.72
N ALA B 31 -15.68 36.82 22.58
CA ALA B 31 -16.58 36.09 21.70
C ALA B 31 -16.52 34.61 22.08
N ASP B 32 -17.59 34.09 22.64
CA ASP B 32 -17.60 32.68 23.02
C ASP B 32 -18.40 31.93 21.96
N TYR B 33 -17.69 31.26 21.05
CA TYR B 33 -18.40 30.53 20.01
C TYR B 33 -18.86 29.15 20.48
N SER B 34 -18.67 28.83 21.76
CA SER B 34 -18.97 27.50 22.25
C SER B 34 -20.42 27.11 21.99
N VAL B 35 -21.37 28.01 22.26
CA VAL B 35 -22.76 27.65 22.02
C VAL B 35 -23.04 27.44 20.54
N LEU B 36 -22.25 28.03 19.65
CA LEU B 36 -22.43 27.74 18.23
C LEU B 36 -21.89 26.36 17.89
N TYR B 37 -20.69 26.04 18.41
CA TYR B 37 -20.07 24.75 18.14
C TYR B 37 -20.87 23.60 18.74
N ASN B 38 -21.58 23.84 19.85
CA ASN B 38 -22.33 22.79 20.54
C ASN B 38 -23.62 22.40 19.85
N SER B 39 -24.17 23.25 19.00
CA SER B 39 -25.44 22.96 18.36
C SER B 39 -25.25 21.93 17.24
N ALA B 40 -26.18 20.97 17.16
CA ALA B 40 -26.22 20.04 16.04
C ALA B 40 -27.30 20.41 15.02
N SER B 41 -27.94 21.56 15.19
CA SER B 41 -29.12 21.92 14.41
C SER B 41 -28.86 22.97 13.32
N PHE B 42 -27.61 23.37 13.08
CA PHE B 42 -27.33 24.25 11.95
C PHE B 42 -27.28 23.41 10.67
N SER B 43 -28.02 23.84 9.63
CA SER B 43 -27.93 23.18 8.33
C SER B 43 -26.68 23.60 7.58
N THR B 44 -26.16 24.78 7.85
CA THR B 44 -24.96 25.29 7.21
C THR B 44 -24.05 25.87 8.28
N PHE B 45 -22.77 25.53 8.23
CA PHE B 45 -21.78 26.25 9.03
C PHE B 45 -20.42 26.03 8.38
N LYS B 46 -19.98 27.07 7.69
CA LYS B 46 -18.99 27.00 6.64
C LYS B 46 -18.20 28.29 6.74
N CYS B 47 -16.88 28.18 6.81
CA CYS B 47 -16.04 29.36 6.92
C CYS B 47 -15.27 29.56 5.63
N TYR B 48 -14.73 30.77 5.50
CA TYR B 48 -14.03 31.18 4.30
C TYR B 48 -12.78 31.93 4.75
N GLY B 49 -11.61 31.42 4.38
CA GLY B 49 -10.38 32.11 4.72
C GLY B 49 -9.92 31.99 6.16
N VAL B 50 -10.57 31.16 6.99
CA VAL B 50 -10.21 31.02 8.39
C VAL B 50 -10.37 29.54 8.69
N SER B 51 -9.59 29.02 9.63
CA SER B 51 -9.84 27.68 10.11
C SER B 51 -11.15 27.64 10.91
N PRO B 52 -12.11 26.79 10.55
CA PRO B 52 -13.43 26.86 11.22
C PRO B 52 -13.46 26.33 12.65
N THR B 53 -12.42 25.64 13.11
CA THR B 53 -12.42 25.00 14.42
C THR B 53 -11.76 25.83 15.51
N LYS B 54 -11.11 26.94 15.16
CA LYS B 54 -10.25 27.65 16.09
C LYS B 54 -10.83 28.97 16.56
N LEU B 55 -12.12 29.22 16.33
CA LEU B 55 -12.68 30.54 16.59
C LEU B 55 -12.56 30.95 18.05
N ASN B 56 -12.66 30.00 18.98
CA ASN B 56 -12.52 30.35 20.40
C ASN B 56 -11.10 30.76 20.78
N ASP B 57 -10.13 30.58 19.89
CA ASP B 57 -8.73 30.88 20.18
C ASP B 57 -8.19 32.01 19.34
N LEU B 58 -9.03 32.70 18.58
CA LEU B 58 -8.62 33.72 17.62
C LEU B 58 -9.01 35.11 18.10
N CYS B 59 -8.24 36.10 17.67
CA CYS B 59 -8.50 37.51 17.96
C CYS B 59 -8.71 38.27 16.66
N PHE B 60 -9.71 39.14 16.63
CA PHE B 60 -10.02 39.93 15.45
C PHE B 60 -10.17 41.38 15.88
N THR B 61 -9.92 42.29 14.94
CA THR B 61 -10.13 43.70 15.24
C THR B 61 -11.59 43.97 15.52
N ASN B 62 -12.47 43.53 14.62
CA ASN B 62 -13.91 43.61 14.78
C ASN B 62 -14.53 42.39 14.13
N VAL B 63 -15.76 42.11 14.54
CA VAL B 63 -16.60 41.10 13.91
C VAL B 63 -17.92 41.77 13.56
N TYR B 64 -18.40 41.57 12.33
CA TYR B 64 -19.74 41.97 11.97
C TYR B 64 -20.61 40.74 11.81
N ALA B 65 -21.81 40.82 12.36
CA ALA B 65 -22.80 39.76 12.31
C ALA B 65 -23.99 40.29 11.50
N ASP B 66 -24.14 39.80 10.28
CA ASP B 66 -25.25 40.17 9.40
C ASP B 66 -26.28 39.07 9.42
N SER B 67 -27.56 39.43 9.46
CA SER B 67 -28.58 38.39 9.62
C SER B 67 -29.83 38.75 8.85
N PHE B 68 -30.54 37.71 8.41
CA PHE B 68 -31.69 37.85 7.50
C PHE B 68 -32.32 36.48 7.29
N VAL B 69 -33.46 36.47 6.60
CA VAL B 69 -34.17 35.26 6.23
C VAL B 69 -34.23 35.18 4.70
N ILE B 70 -33.98 33.99 4.17
CA ILE B 70 -34.09 33.64 2.76
C ILE B 70 -34.69 32.25 2.67
N ARG B 71 -34.93 31.76 1.46
CA ARG B 71 -35.49 30.42 1.47
C ARG B 71 -34.32 29.42 1.34
N GLY B 72 -34.59 28.16 1.69
CA GLY B 72 -33.53 27.18 1.85
C GLY B 72 -32.62 27.01 0.64
N ASP B 73 -33.19 26.98 -0.56
CA ASP B 73 -32.36 26.73 -1.74
C ASP B 73 -31.57 27.96 -2.16
N GLU B 74 -31.66 29.07 -1.43
CA GLU B 74 -30.89 30.28 -1.66
C GLU B 74 -29.70 30.42 -0.73
N VAL B 75 -29.58 29.55 0.29
CA VAL B 75 -28.45 29.66 1.21
C VAL B 75 -27.13 29.47 0.45
N ARG B 76 -27.12 28.62 -0.59
CA ARG B 76 -25.95 28.51 -1.46
C ARG B 76 -25.44 29.85 -2.02
N GLN B 77 -26.32 30.85 -2.14
CA GLN B 77 -25.91 32.14 -2.68
C GLN B 77 -25.16 32.97 -1.66
N ILE B 78 -25.24 32.61 -0.38
CA ILE B 78 -24.54 33.37 0.68
C ILE B 78 -23.13 32.81 0.74
N ALA B 79 -22.31 33.20 -0.23
CA ALA B 79 -20.93 32.77 -0.34
C ALA B 79 -20.24 33.64 -1.39
N PRO B 80 -18.91 33.75 -1.34
CA PRO B 80 -18.19 34.45 -2.42
C PRO B 80 -18.54 33.85 -3.77
N GLY B 81 -18.59 34.71 -4.80
CA GLY B 81 -18.61 34.25 -6.17
C GLY B 81 -19.90 33.62 -6.63
N GLN B 82 -21.03 33.95 -5.99
CA GLN B 82 -22.30 33.38 -6.40
C GLN B 82 -23.14 34.40 -7.17
N THR B 83 -24.16 33.89 -7.85
CA THR B 83 -25.13 34.73 -8.54
C THR B 83 -26.53 34.21 -8.26
N GLY B 84 -27.52 35.03 -8.60
CA GLY B 84 -28.92 34.80 -8.32
C GLY B 84 -29.53 36.01 -7.65
N LYS B 85 -30.86 35.94 -7.43
CA LYS B 85 -31.59 37.11 -6.94
C LYS B 85 -30.99 37.63 -5.64
N ILE B 86 -30.56 36.72 -4.76
CA ILE B 86 -30.08 37.17 -3.46
C ILE B 86 -28.68 37.77 -3.60
N ALA B 87 -27.75 37.01 -4.19
CA ALA B 87 -26.40 37.54 -4.33
C ALA B 87 -26.36 38.77 -5.23
N ASP B 88 -27.21 38.81 -6.28
CA ASP B 88 -27.15 39.96 -7.20
C ASP B 88 -27.81 41.20 -6.60
N TYR B 89 -29.01 41.05 -6.02
CA TYR B 89 -29.83 42.21 -5.66
C TYR B 89 -30.05 42.42 -4.17
N ASN B 90 -29.63 41.50 -3.29
CA ASN B 90 -29.99 41.61 -1.87
C ASN B 90 -28.79 41.60 -0.92
N TYR B 91 -27.91 40.61 -1.01
CA TYR B 91 -26.77 40.53 -0.08
C TYR B 91 -25.60 39.89 -0.79
N LYS B 92 -24.51 40.64 -0.95
CA LYS B 92 -23.38 40.25 -1.79
C LYS B 92 -22.13 40.09 -0.93
N LEU B 93 -21.51 38.93 -1.00
CA LEU B 93 -20.22 38.82 -0.33
C LEU B 93 -19.10 39.01 -1.33
N PRO B 94 -17.95 39.54 -0.89
CA PRO B 94 -16.82 39.71 -1.82
C PRO B 94 -16.11 38.40 -2.13
N ASP B 95 -15.34 38.40 -3.21
CA ASP B 95 -14.69 37.17 -3.75
C ASP B 95 -13.66 36.55 -2.81
N ASP B 96 -13.03 37.38 -2.01
CA ASP B 96 -12.00 36.92 -1.08
C ASP B 96 -12.48 36.98 0.37
N PHE B 97 -13.77 36.74 0.59
CA PHE B 97 -14.40 36.86 1.90
C PHE B 97 -13.59 36.13 2.97
N THR B 98 -13.51 36.74 4.16
CA THR B 98 -12.94 36.11 5.35
C THR B 98 -14.01 36.09 6.45
N GLY B 99 -14.52 34.91 6.80
CA GLY B 99 -15.59 34.83 7.78
C GLY B 99 -16.31 33.50 7.67
N CYS B 100 -17.46 33.42 8.31
CA CYS B 100 -18.24 32.18 8.34
C CYS B 100 -19.71 32.48 8.11
N VAL B 101 -20.39 31.52 7.48
CA VAL B 101 -21.81 31.60 7.19
C VAL B 101 -22.50 30.47 7.98
N ILE B 102 -23.45 30.83 8.84
CA ILE B 102 -24.23 29.87 9.61
C ILE B 102 -25.70 30.00 9.21
N ALA B 103 -26.37 28.88 8.98
CA ALA B 103 -27.79 28.96 8.66
C ALA B 103 -28.56 27.80 9.30
N TRP B 104 -29.86 28.01 9.51
CA TRP B 104 -30.72 26.98 10.06
C TRP B 104 -32.16 27.15 9.57
N ASN B 105 -32.83 26.00 9.43
CA ASN B 105 -34.23 25.96 9.04
C ASN B 105 -35.09 26.66 10.08
N SER B 106 -35.91 27.60 9.63
CA SER B 106 -36.72 28.39 10.56
C SER B 106 -38.20 28.32 10.20
N ASN B 107 -38.59 27.22 9.55
CA ASN B 107 -39.98 26.97 9.18
C ASN B 107 -40.91 27.14 10.38
N ASN B 108 -40.48 26.65 11.55
CA ASN B 108 -41.27 26.72 12.77
C ASN B 108 -41.44 28.14 13.30
N LEU B 109 -40.58 29.07 12.90
CA LEU B 109 -40.64 30.44 13.38
C LEU B 109 -41.15 31.43 12.35
N ASP B 110 -40.92 31.17 11.07
CA ASP B 110 -41.12 32.20 10.05
C ASP B 110 -42.15 31.86 8.98
N SER B 111 -42.69 30.65 8.97
CA SER B 111 -43.79 30.31 8.09
C SER B 111 -45.10 30.48 8.82
N LYS B 112 -46.21 30.50 8.07
CA LYS B 112 -47.52 30.31 8.67
C LYS B 112 -48.53 29.93 7.62
N VAL B 113 -49.58 29.26 8.08
CA VAL B 113 -50.64 28.83 7.18
C VAL B 113 -51.34 30.06 6.64
N GLY B 114 -51.56 30.08 5.33
CA GLY B 114 -52.02 31.25 4.63
C GLY B 114 -50.90 32.09 4.04
N GLY B 115 -49.74 32.11 4.70
CA GLY B 115 -48.55 32.74 4.14
C GLY B 115 -48.04 33.83 5.07
N ASN B 116 -46.73 33.81 5.30
CA ASN B 116 -46.07 34.92 5.99
C ASN B 116 -45.64 35.93 4.95
N TYR B 117 -46.28 37.09 4.94
CA TYR B 117 -45.94 38.11 3.97
C TYR B 117 -45.02 39.18 4.55
N ASN B 118 -44.47 38.96 5.75
CA ASN B 118 -43.54 39.93 6.33
C ASN B 118 -42.12 39.84 5.77
N TYR B 119 -41.69 38.71 5.22
CA TYR B 119 -40.33 38.57 4.72
C TYR B 119 -40.30 38.85 3.22
N LEU B 120 -39.44 39.80 2.83
CA LEU B 120 -39.34 40.29 1.46
C LEU B 120 -37.94 40.10 0.91
N TYR B 121 -37.84 40.03 -0.42
CA TYR B 121 -36.55 40.14 -1.11
C TYR B 121 -36.71 41.07 -2.31
N ARG B 122 -35.61 41.72 -2.69
CA ARG B 122 -35.62 42.56 -3.88
C ARG B 122 -35.61 41.68 -5.13
N LEU B 123 -36.67 41.79 -5.93
CA LEU B 123 -36.83 40.99 -7.15
C LEU B 123 -36.29 41.67 -8.41
N PHE B 124 -36.25 43.01 -8.43
CA PHE B 124 -35.87 43.80 -9.59
C PHE B 124 -34.84 44.82 -9.17
N ARG B 125 -33.80 44.99 -9.99
CA ARG B 125 -32.79 46.02 -9.77
C ARG B 125 -32.08 46.31 -11.09
N LYS B 126 -31.65 47.57 -11.26
CA LYS B 126 -31.00 47.98 -12.50
C LYS B 126 -29.56 47.51 -12.60
N SER B 127 -28.94 47.13 -11.48
CA SER B 127 -27.56 46.65 -11.49
C SER B 127 -27.35 45.81 -10.25
N ASN B 128 -26.25 45.05 -10.23
CA ASN B 128 -25.93 44.20 -9.10
C ASN B 128 -25.37 45.01 -7.94
N LEU B 129 -25.61 44.53 -6.73
CA LEU B 129 -25.03 45.19 -5.57
C LEU B 129 -23.52 44.98 -5.54
N LYS B 130 -22.85 45.91 -4.93
CA LYS B 130 -21.46 45.71 -4.56
C LYS B 130 -21.39 44.94 -3.25
N PRO B 131 -20.29 44.26 -2.97
CA PRO B 131 -20.21 43.48 -1.73
C PRO B 131 -20.52 44.32 -0.50
N PHE B 132 -21.34 43.76 0.39
CA PHE B 132 -21.80 44.41 1.62
C PHE B 132 -22.60 45.71 1.34
N GLU B 133 -23.09 45.90 0.12
CA GLU B 133 -24.05 46.98 -0.12
C GLU B 133 -25.43 46.58 0.38
N ARG B 134 -26.17 47.57 0.86
CA ARG B 134 -27.56 47.38 1.29
C ARG B 134 -28.44 48.38 0.56
N ASP B 135 -29.53 47.88 -0.02
CA ASP B 135 -30.46 48.68 -0.80
C ASP B 135 -31.85 48.53 -0.18
N ILE B 136 -32.30 49.56 0.51
CA ILE B 136 -33.64 49.55 1.09
C ILE B 136 -34.57 50.50 0.35
N SER B 137 -34.15 51.00 -0.81
CA SER B 137 -34.99 51.88 -1.61
C SER B 137 -36.23 51.15 -2.14
N THR B 138 -37.30 51.90 -2.37
CA THR B 138 -38.53 51.31 -2.90
C THR B 138 -38.99 52.02 -4.17
N GLU B 139 -38.04 52.51 -4.97
CA GLU B 139 -38.38 53.15 -6.24
C GLU B 139 -39.04 52.16 -7.19
N ILE B 140 -40.06 52.63 -7.92
CA ILE B 140 -40.76 51.78 -8.88
C ILE B 140 -39.80 51.34 -9.98
N TYR B 141 -39.85 50.05 -10.32
CA TYR B 141 -38.96 49.46 -11.31
C TYR B 141 -39.60 49.54 -12.69
N GLN B 142 -38.88 50.15 -13.63
CA GLN B 142 -39.34 50.24 -15.02
C GLN B 142 -39.04 48.94 -15.75
N ALA B 143 -40.06 48.10 -15.94
CA ALA B 143 -39.90 46.88 -16.72
C ALA B 143 -40.15 47.09 -18.22
N GLY B 144 -40.95 48.10 -18.59
CA GLY B 144 -41.18 48.41 -19.98
C GLY B 144 -40.29 49.54 -20.48
N SER B 145 -40.56 49.99 -21.70
CA SER B 145 -39.77 51.08 -22.26
C SER B 145 -40.25 52.45 -21.80
N THR B 146 -41.45 52.55 -21.20
CA THR B 146 -41.97 53.85 -20.80
C THR B 146 -41.66 54.13 -19.34
N PRO B 147 -41.20 55.33 -19.00
CA PRO B 147 -40.90 55.65 -17.59
C PRO B 147 -42.13 55.59 -16.68
N CYS B 148 -41.85 55.35 -15.40
CA CYS B 148 -42.89 55.14 -14.40
C CYS B 148 -43.24 56.41 -13.65
N ASN B 149 -42.29 57.35 -13.56
CA ASN B 149 -42.48 58.60 -12.82
C ASN B 149 -42.99 58.33 -11.41
N GLY B 150 -42.45 57.27 -10.79
CA GLY B 150 -42.77 56.91 -9.42
C GLY B 150 -44.13 56.29 -9.19
N VAL B 151 -44.81 55.85 -10.23
CA VAL B 151 -46.19 55.37 -10.10
C VAL B 151 -46.24 53.92 -10.56
N GLU B 152 -46.85 53.05 -9.75
CA GLU B 152 -47.01 51.66 -10.17
C GLU B 152 -48.14 51.55 -11.17
N GLY B 153 -47.98 50.62 -12.10
CA GLY B 153 -49.07 50.32 -13.00
C GLY B 153 -48.62 49.23 -13.93
N PHE B 154 -49.21 49.18 -15.13
CA PHE B 154 -48.70 48.29 -16.16
C PHE B 154 -47.23 48.59 -16.41
N ASN B 155 -46.43 47.53 -16.46
CA ASN B 155 -45.00 47.55 -16.77
C ASN B 155 -44.15 48.28 -15.72
N CYS B 156 -44.74 48.64 -14.58
CA CYS B 156 -44.06 49.43 -13.56
C CYS B 156 -44.30 48.80 -12.19
N TYR B 157 -43.27 48.16 -11.62
CA TYR B 157 -43.47 47.22 -10.53
C TYR B 157 -42.79 47.67 -9.24
N PHE B 158 -43.45 47.37 -8.13
CA PHE B 158 -42.82 47.55 -6.83
C PHE B 158 -41.63 46.61 -6.76
N PRO B 159 -40.46 47.08 -6.37
CA PRO B 159 -39.25 46.26 -6.52
C PRO B 159 -39.13 45.10 -5.53
N LEU B 160 -39.87 45.11 -4.42
CA LEU B 160 -39.76 44.08 -3.39
C LEU B 160 -40.84 43.03 -3.54
N GLN B 161 -40.46 41.77 -3.31
CA GLN B 161 -41.34 40.63 -3.49
C GLN B 161 -41.47 39.85 -2.18
N SER B 162 -42.69 39.47 -1.83
CA SER B 162 -42.92 38.68 -0.63
C SER B 162 -42.66 37.19 -0.86
N TYR B 163 -41.98 36.57 0.09
CA TYR B 163 -41.78 35.13 0.03
C TYR B 163 -43.08 34.36 0.29
N GLY B 164 -43.92 34.85 1.20
CA GLY B 164 -45.15 34.13 1.53
C GLY B 164 -44.93 32.75 2.14
N PHE B 165 -43.99 32.64 3.09
CA PHE B 165 -43.63 31.34 3.62
C PHE B 165 -44.82 30.63 4.24
N GLN B 166 -45.02 29.37 3.86
CA GLN B 166 -46.02 28.46 4.42
C GLN B 166 -45.36 27.18 4.92
N PRO B 167 -45.76 26.68 6.09
CA PRO B 167 -45.05 25.53 6.70
C PRO B 167 -45.14 24.24 5.90
N THR B 168 -46.12 24.11 5.03
CA THR B 168 -46.28 22.92 4.21
C THR B 168 -45.47 22.96 2.92
N ASN B 169 -44.65 24.00 2.72
CA ASN B 169 -43.79 24.05 1.54
C ASN B 169 -42.68 23.02 1.64
N GLY B 170 -42.14 22.63 0.48
CA GLY B 170 -40.93 21.82 0.45
C GLY B 170 -39.78 22.51 1.16
N VAL B 171 -38.80 21.72 1.59
CA VAL B 171 -37.78 22.26 2.49
C VAL B 171 -36.94 23.31 1.77
N GLY B 172 -36.68 23.11 0.48
CA GLY B 172 -35.97 24.11 -0.30
C GLY B 172 -36.69 25.42 -0.41
N TYR B 173 -38.01 25.42 -0.20
CA TYR B 173 -38.80 26.64 -0.21
C TYR B 173 -39.16 27.13 1.19
N GLN B 174 -38.69 26.47 2.26
CA GLN B 174 -38.95 26.96 3.61
C GLN B 174 -37.97 28.08 3.98
N PRO B 175 -38.34 28.92 4.95
CA PRO B 175 -37.42 29.98 5.38
C PRO B 175 -36.25 29.41 6.17
N TYR B 176 -35.09 30.06 5.98
CA TYR B 176 -33.87 29.76 6.72
C TYR B 176 -33.35 31.06 7.28
N ARG B 177 -32.97 31.02 8.56
CA ARG B 177 -32.31 32.16 9.19
C ARG B 177 -30.82 32.04 8.96
N VAL B 178 -30.19 33.13 8.55
CA VAL B 178 -28.76 33.16 8.22
C VAL B 178 -28.07 34.19 9.07
N VAL B 179 -26.91 33.83 9.61
CA VAL B 179 -25.99 34.78 10.22
C VAL B 179 -24.66 34.66 9.46
N VAL B 180 -24.16 35.79 8.96
CA VAL B 180 -22.84 35.86 8.35
C VAL B 180 -21.92 36.59 9.32
N LEU B 181 -20.85 35.93 9.74
CA LEU B 181 -19.83 36.57 10.56
C LEU B 181 -18.67 36.98 9.68
N SER B 182 -18.41 38.28 9.61
CA SER B 182 -17.26 38.83 8.91
C SER B 182 -16.16 39.09 9.91
N PHE B 183 -14.96 38.57 9.65
CA PHE B 183 -13.84 38.74 10.55
C PHE B 183 -12.89 39.78 9.99
N GLU B 184 -12.53 40.74 10.83
CA GLU B 184 -11.68 41.84 10.44
C GLU B 184 -10.27 41.55 10.94
N LEU B 185 -9.32 41.48 10.03
CA LEU B 185 -7.92 41.22 10.36
C LEU B 185 -7.07 42.45 10.09
N LEU B 186 -7.31 43.56 10.77
CA LEU B 186 -6.53 44.75 10.47
C LEU B 186 -5.25 44.77 11.29
N HIS B 187 -4.54 45.89 11.27
CA HIS B 187 -3.35 46.04 12.08
C HIS B 187 -3.61 46.81 13.36
N ALA B 188 -4.82 47.34 13.54
CA ALA B 188 -5.20 47.91 14.82
C ALA B 188 -5.21 46.81 15.88
N PRO B 189 -5.19 47.17 17.17
CA PRO B 189 -5.31 46.14 18.21
C PRO B 189 -6.60 45.33 18.07
N ALA B 190 -6.51 44.06 18.46
CA ALA B 190 -7.71 43.21 18.48
C ALA B 190 -8.66 43.69 19.59
N THR B 191 -9.96 43.62 19.32
CA THR B 191 -10.91 43.89 20.39
C THR B 191 -11.92 42.78 20.54
N VAL B 192 -11.91 41.78 19.67
CA VAL B 192 -12.81 40.65 19.80
C VAL B 192 -11.94 39.40 19.85
N CYS B 193 -11.87 38.78 21.01
CA CYS B 193 -11.04 37.60 21.24
C CYS B 193 -11.93 36.50 21.80
N GLY B 194 -11.55 35.27 21.55
CA GLY B 194 -12.24 34.14 22.14
C GLY B 194 -11.80 33.93 23.58
N PRO B 195 -12.56 33.08 24.29
CA PRO B 195 -12.25 32.84 25.72
C PRO B 195 -10.86 32.28 25.97
N LYS B 196 -10.33 31.51 25.05
CA LYS B 196 -8.90 31.20 25.07
C LYS B 196 -8.20 31.69 23.82
N GLU C 1 -8.27 -15.74 11.18
CA GLU C 1 -7.83 -15.51 12.57
C GLU C 1 -6.29 -15.41 12.59
N VAL C 2 -5.65 -15.89 11.53
CA VAL C 2 -4.18 -15.83 11.45
C VAL C 2 -3.77 -14.37 11.28
N HIS C 3 -2.86 -13.89 12.09
CA HIS C 3 -2.53 -12.49 11.95
C HIS C 3 -1.02 -12.38 12.15
N LEU C 4 -0.37 -11.61 11.29
CA LEU C 4 1.07 -11.43 11.31
C LEU C 4 1.36 -9.94 11.22
N VAL C 5 2.15 -9.43 12.14
CA VAL C 5 2.40 -7.99 12.23
C VAL C 5 3.90 -7.77 12.31
N GLU C 6 4.47 -7.19 11.25
CA GLU C 6 5.89 -6.87 11.18
C GLU C 6 6.16 -5.48 11.73
N SER C 7 7.36 -5.30 12.27
CA SER C 7 7.80 -4.00 12.75
C SER C 7 9.32 -3.94 12.70
N GLY C 8 9.86 -2.74 12.87
CA GLY C 8 11.29 -2.56 12.97
C GLY C 8 11.89 -1.82 11.81
N GLY C 9 11.10 -1.51 10.79
CA GLY C 9 11.65 -0.83 9.64
C GLY C 9 11.96 0.62 9.94
N GLY C 10 12.69 1.26 9.02
CA GLY C 10 13.06 2.65 9.15
C GLY C 10 13.96 3.06 8.02
N VAL C 11 14.50 4.27 8.10
CA VAL C 11 15.50 4.76 7.16
C VAL C 11 16.88 4.64 7.79
N VAL C 12 17.86 4.14 7.04
CA VAL C 12 19.18 3.82 7.55
C VAL C 12 20.20 4.09 6.47
N GLN C 13 21.44 4.36 6.91
CA GLN C 13 22.57 4.55 6.02
C GLN C 13 23.12 3.22 5.54
N PRO C 14 23.66 3.16 4.33
CA PRO C 14 24.38 1.96 3.90
C PRO C 14 25.43 1.58 4.92
N GLY C 15 25.59 0.26 5.15
CA GLY C 15 26.49 -0.26 6.14
C GLY C 15 25.90 -0.44 7.52
N ARG C 16 24.79 0.22 7.83
CA ARG C 16 24.13 0.07 9.12
C ARG C 16 23.40 -1.26 9.23
N SER C 17 22.80 -1.45 10.40
CA SER C 17 22.11 -2.66 10.81
C SER C 17 20.66 -2.33 11.15
N LEU C 18 19.84 -3.38 11.23
CA LEU C 18 18.46 -3.15 11.55
C LEU C 18 17.85 -4.53 11.83
N LYS C 19 16.98 -4.63 12.84
CA LYS C 19 16.36 -5.89 13.22
C LYS C 19 14.85 -5.78 13.02
N LEU C 20 14.28 -6.70 12.23
CA LEU C 20 12.85 -6.76 12.01
C LEU C 20 12.22 -7.78 12.94
N SER C 21 10.97 -7.55 13.31
CA SER C 21 10.20 -8.49 14.11
C SER C 21 8.87 -8.78 13.43
N CYS C 22 8.34 -9.95 13.72
CA CYS C 22 7.03 -10.35 13.19
C CYS C 22 6.29 -11.09 14.29
N ALA C 23 5.28 -10.43 14.88
CA ALA C 23 4.47 -11.03 15.93
C ALA C 23 3.31 -11.80 15.30
N ALA C 24 3.18 -13.07 15.67
CA ALA C 24 2.24 -13.98 15.04
C ALA C 24 1.18 -14.39 16.04
N SER C 25 -0.06 -14.54 15.56
CA SER C 25 -1.13 -15.03 16.40
C SER C 25 -2.19 -15.67 15.53
N GLY C 26 -3.10 -16.41 16.17
CA GLY C 26 -4.18 -17.07 15.47
C GLY C 26 -3.85 -18.43 14.92
N PHE C 27 -2.66 -18.95 15.21
CA PHE C 27 -2.26 -20.28 14.81
C PHE C 27 -1.12 -20.70 15.71
N THR C 28 -0.82 -21.99 15.72
CA THR C 28 0.26 -22.52 16.54
C THR C 28 1.57 -22.17 15.85
N PHE C 29 2.19 -21.08 16.32
CA PHE C 29 3.40 -20.58 15.67
C PHE C 29 4.48 -21.63 15.57
N SER C 30 4.65 -22.42 16.63
CA SER C 30 5.73 -23.39 16.70
C SER C 30 5.54 -24.58 15.78
N SER C 31 4.38 -24.71 15.14
CA SER C 31 4.12 -25.82 14.22
C SER C 31 4.56 -25.54 12.79
N TYR C 32 4.95 -24.31 12.47
CA TYR C 32 5.10 -23.85 11.09
C TYR C 32 6.45 -23.21 10.84
N GLY C 33 7.07 -23.57 9.72
CA GLY C 33 8.13 -22.75 9.19
C GLY C 33 7.64 -21.36 8.82
N MET C 34 8.59 -20.43 8.71
CA MET C 34 8.30 -19.02 8.52
C MET C 34 9.32 -18.45 7.52
N HIS C 35 8.88 -17.49 6.72
CA HIS C 35 9.73 -16.86 5.71
C HIS C 35 9.74 -15.35 5.86
N TRP C 36 10.79 -14.74 5.31
CA TRP C 36 10.80 -13.32 4.97
C TRP C 36 10.85 -13.20 3.45
N VAL C 37 10.01 -12.34 2.89
CA VAL C 37 9.94 -12.04 1.46
C VAL C 37 9.89 -10.52 1.31
N ARG C 38 10.57 -9.98 0.30
CA ARG C 38 10.64 -8.52 0.20
C ARG C 38 10.27 -8.04 -1.20
N GLN C 39 10.00 -6.74 -1.29
CA GLN C 39 9.53 -6.12 -2.52
C GLN C 39 10.07 -4.70 -2.62
N ALA C 40 11.01 -4.49 -3.53
CA ALA C 40 11.56 -3.15 -3.76
C ALA C 40 10.49 -2.26 -4.40
N PRO C 41 10.51 -0.96 -4.08
CA PRO C 41 9.49 -0.04 -4.64
C PRO C 41 9.33 -0.19 -6.15
N GLY C 42 8.08 -0.43 -6.56
CA GLY C 42 7.78 -0.64 -7.97
C GLY C 42 8.23 -1.96 -8.55
N LYS C 43 8.77 -2.88 -7.77
CA LYS C 43 9.29 -4.12 -8.32
C LYS C 43 8.50 -5.31 -7.80
N GLY C 44 8.99 -6.52 -8.13
CA GLY C 44 8.30 -7.75 -7.79
C GLY C 44 8.76 -8.34 -6.46
N LEU C 45 8.17 -9.49 -6.15
CA LEU C 45 8.45 -10.18 -4.89
C LEU C 45 9.76 -10.95 -5.00
N GLU C 46 10.56 -10.92 -3.92
CA GLU C 46 11.85 -11.62 -3.87
C GLU C 46 11.98 -12.33 -2.53
N TRP C 47 12.19 -13.65 -2.56
CA TRP C 47 12.33 -14.42 -1.33
C TRP C 47 13.66 -14.09 -0.65
N VAL C 48 13.66 -14.03 0.69
CA VAL C 48 14.83 -13.58 1.46
C VAL C 48 15.41 -14.72 2.30
N ALA C 49 14.59 -15.34 3.16
CA ALA C 49 15.09 -16.30 4.14
C ALA C 49 13.95 -17.18 4.62
N VAL C 50 14.33 -18.34 5.16
CA VAL C 50 13.40 -19.31 5.73
C VAL C 50 13.98 -19.89 7.01
N ILE C 51 13.09 -20.22 7.95
CA ILE C 51 13.46 -20.90 9.19
C ILE C 51 12.42 -21.97 9.49
N SER C 52 12.88 -23.18 9.84
CA SER C 52 11.97 -24.27 10.15
C SER C 52 11.27 -24.00 11.49
N HIS C 53 10.28 -24.85 11.79
CA HIS C 53 9.38 -24.60 12.93
C HIS C 53 10.13 -24.52 14.25
N ASP C 54 11.17 -25.32 14.43
CA ASP C 54 11.93 -25.26 15.67
C ASP C 54 13.28 -24.54 15.50
N GLY C 55 13.48 -23.84 14.40
CA GLY C 55 14.70 -23.07 14.19
C GLY C 55 15.94 -23.85 13.79
N SER C 56 15.86 -25.17 13.64
CA SER C 56 17.06 -25.96 13.38
C SER C 56 17.53 -25.92 11.92
N SER C 57 16.70 -25.43 11.00
CA SER C 57 17.04 -25.34 9.60
C SER C 57 16.79 -23.92 9.11
N LYS C 58 17.79 -23.32 8.44
CA LYS C 58 17.68 -21.96 7.91
C LYS C 58 18.32 -21.91 6.53
N PHE C 59 17.70 -21.16 5.60
CA PHE C 59 18.27 -20.89 4.29
C PHE C 59 18.10 -19.41 3.95
N TYR C 60 18.94 -18.91 3.04
CA TYR C 60 19.03 -17.51 2.69
C TYR C 60 19.17 -17.32 1.20
N ALA C 61 18.58 -16.23 0.68
CA ALA C 61 18.90 -15.81 -0.67
C ALA C 61 20.38 -15.45 -0.77
N ASP C 62 20.96 -15.72 -1.93
CA ASP C 62 22.39 -15.49 -2.11
C ASP C 62 22.76 -14.03 -1.88
N SER C 63 21.89 -13.10 -2.29
CA SER C 63 22.23 -11.69 -2.14
C SER C 63 22.25 -11.22 -0.68
N VAL C 64 21.81 -12.03 0.28
CA VAL C 64 21.82 -11.63 1.68
C VAL C 64 22.64 -12.54 2.57
N LYS C 65 23.22 -13.62 2.04
CA LYS C 65 24.09 -14.45 2.88
C LYS C 65 25.27 -13.71 3.47
N GLY C 66 25.57 -14.10 4.72
CA GLY C 66 26.59 -13.46 5.51
C GLY C 66 26.17 -12.14 6.12
N ARG C 67 25.05 -11.56 5.68
CA ARG C 67 24.58 -10.27 6.15
C ARG C 67 23.31 -10.35 6.99
N PHE C 68 22.36 -11.22 6.64
CA PHE C 68 21.10 -11.36 7.34
C PHE C 68 21.11 -12.64 8.18
N THR C 69 20.45 -12.60 9.32
CA THR C 69 20.23 -13.78 10.14
C THR C 69 18.76 -13.90 10.49
N ILE C 70 18.16 -15.02 10.15
CA ILE C 70 16.78 -15.26 10.56
C ILE C 70 16.78 -16.05 11.87
N SER C 71 15.81 -15.77 12.72
CA SER C 71 15.72 -16.45 14.01
C SER C 71 14.29 -16.36 14.50
N ARG C 72 13.97 -17.17 15.50
CA ARG C 72 12.62 -17.13 16.02
C ARG C 72 12.63 -17.43 17.51
N ASP C 73 11.59 -16.99 18.18
CA ASP C 73 11.36 -17.26 19.59
C ASP C 73 9.93 -17.78 19.72
N ASN C 74 9.78 -19.11 19.85
CA ASN C 74 8.45 -19.67 19.84
C ASN C 74 7.71 -19.37 21.12
N SER C 75 8.42 -19.14 22.23
CA SER C 75 7.76 -18.72 23.46
C SER C 75 7.11 -17.35 23.29
N LYS C 76 7.72 -16.46 22.51
CA LYS C 76 7.14 -15.13 22.27
C LYS C 76 6.36 -15.04 20.96
N ASN C 77 6.14 -16.15 20.25
CA ASN C 77 5.43 -16.16 18.97
C ASN C 77 5.93 -15.07 18.03
N THR C 78 7.25 -14.94 17.93
CA THR C 78 7.88 -13.87 17.16
C THR C 78 8.96 -14.42 16.24
N LEU C 79 8.99 -13.87 15.03
CA LEU C 79 10.00 -14.10 14.01
C LEU C 79 10.90 -12.88 13.90
N TYR C 80 12.20 -13.09 13.68
CA TYR C 80 13.18 -12.00 13.57
C TYR C 80 13.99 -12.08 12.29
N LEU C 81 14.40 -10.91 11.81
CA LEU C 81 15.40 -10.78 10.74
C LEU C 81 16.43 -9.73 11.14
N GLN C 82 17.61 -10.18 11.56
CA GLN C 82 18.76 -9.30 11.77
C GLN C 82 19.41 -8.97 10.44
N MET C 83 19.49 -7.69 10.10
CA MET C 83 20.00 -7.27 8.80
C MET C 83 21.23 -6.40 9.02
N ASN C 84 22.40 -6.95 8.74
CA ASN C 84 23.64 -6.19 8.86
C ASN C 84 24.13 -5.73 7.50
N SER C 85 25.01 -4.72 7.54
CA SER C 85 25.71 -4.25 6.34
C SER C 85 24.73 -3.91 5.23
N LEU C 86 23.66 -3.22 5.61
CA LEU C 86 22.60 -2.90 4.67
C LEU C 86 23.15 -2.11 3.49
N ARG C 87 22.59 -2.37 2.32
CA ARG C 87 23.05 -1.70 1.12
C ARG C 87 21.83 -1.23 0.32
N ALA C 88 22.08 -0.42 -0.70
CA ALA C 88 21.01 0.21 -1.47
C ALA C 88 20.00 -0.78 -1.99
N GLU C 89 20.45 -1.99 -2.33
CA GLU C 89 19.60 -3.00 -2.97
C GLU C 89 18.64 -3.64 -1.98
N ASP C 90 18.81 -3.39 -0.69
CA ASP C 90 17.97 -3.92 0.37
C ASP C 90 16.72 -3.08 0.62
N THR C 91 16.61 -1.89 -0.01
CA THR C 91 15.44 -1.04 0.16
C THR C 91 14.19 -1.77 -0.34
N ALA C 92 13.19 -1.92 0.53
CA ALA C 92 12.00 -2.70 0.18
C ALA C 92 11.03 -2.71 1.35
N VAL C 93 9.82 -3.18 1.06
CA VAL C 93 8.88 -3.65 2.07
C VAL C 93 9.22 -5.10 2.38
N TYR C 94 9.31 -5.43 3.67
CA TYR C 94 9.63 -6.78 4.13
C TYR C 94 8.40 -7.40 4.75
N TYR C 95 7.99 -8.55 4.21
CA TYR C 95 6.84 -9.31 4.70
C TYR C 95 7.33 -10.55 5.42
N CYS C 96 6.68 -10.91 6.53
CA CYS C 96 6.83 -12.27 7.04
C CYS C 96 5.68 -13.11 6.51
N ALA C 97 5.96 -14.38 6.26
CA ALA C 97 5.01 -15.30 5.66
C ALA C 97 5.02 -16.63 6.41
N LYS C 98 3.82 -17.14 6.66
CA LYS C 98 3.65 -18.42 7.31
C LYS C 98 3.57 -19.52 6.27
N GLU C 99 4.20 -20.66 6.55
CA GLU C 99 4.20 -21.79 5.63
C GLU C 99 2.85 -22.50 5.64
N PHE C 100 2.64 -23.35 4.65
CA PHE C 100 1.32 -23.92 4.35
C PHE C 100 1.09 -25.30 4.94
N TYR C 101 2.12 -26.14 5.02
CA TYR C 101 1.95 -27.51 5.51
C TYR C 101 2.58 -27.66 6.88
N ASP C 102 2.22 -28.74 7.57
CA ASP C 102 2.76 -28.95 8.89
C ASP C 102 4.16 -29.58 8.81
N SER C 103 4.77 -29.80 9.98
CA SER C 103 6.20 -30.10 10.02
C SER C 103 6.55 -31.45 9.41
N GLY C 104 5.61 -32.39 9.33
CA GLY C 104 5.86 -33.73 8.85
C GLY C 104 5.45 -33.98 7.42
N ASN C 105 5.08 -32.94 6.69
CA ASN C 105 4.65 -33.05 5.30
C ASN C 105 5.86 -32.82 4.39
N TYR C 106 6.13 -33.77 3.48
CA TYR C 106 7.32 -33.61 2.63
C TYR C 106 7.14 -32.53 1.55
N ARG C 107 5.93 -32.05 1.28
CA ARG C 107 5.71 -31.36 0.01
C ARG C 107 6.45 -30.02 -0.05
N PRO C 108 6.92 -29.63 -1.23
CA PRO C 108 7.36 -28.23 -1.44
C PRO C 108 6.46 -27.18 -0.83
N GLU C 109 7.08 -26.22 -0.15
CA GLU C 109 6.37 -25.26 0.69
C GLU C 109 6.10 -23.96 -0.07
N LEU C 110 5.22 -23.15 0.52
CA LEU C 110 4.67 -21.98 -0.13
C LEU C 110 4.14 -21.06 0.96
N PHE C 111 3.62 -19.89 0.57
CA PHE C 111 3.37 -18.81 1.52
C PHE C 111 1.88 -18.68 1.80
N ASP C 112 1.45 -19.32 2.87
CA ASP C 112 0.03 -19.43 3.21
C ASP C 112 -0.58 -18.09 3.57
N TYR C 113 0.12 -17.29 4.37
CA TYR C 113 -0.39 -16.02 4.87
C TYR C 113 0.78 -15.06 5.07
N TRP C 114 0.54 -13.77 4.86
CA TRP C 114 1.52 -12.68 4.73
C TRP C 114 1.07 -11.56 5.68
N GLY C 115 2.03 -10.96 6.38
CA GLY C 115 1.73 -9.77 7.13
C GLY C 115 1.68 -8.57 6.20
N GLN C 116 1.30 -7.42 6.74
CA GLN C 116 1.17 -6.27 5.84
C GLN C 116 2.49 -5.60 5.55
N GLY C 117 3.56 -5.91 6.28
CA GLY C 117 4.88 -5.51 5.84
C GLY C 117 5.42 -4.32 6.63
N THR C 118 6.75 -4.21 6.64
CA THR C 118 7.44 -3.06 7.23
C THR C 118 8.45 -2.53 6.22
N THR C 119 8.62 -1.21 6.18
CA THR C 119 9.41 -0.59 5.11
C THR C 119 10.82 -0.27 5.58
N ILE C 120 11.79 -0.61 4.74
CA ILE C 120 13.20 -0.27 4.88
C ILE C 120 13.63 0.56 3.69
N THR C 121 14.23 1.72 3.97
CA THR C 121 14.85 2.57 2.97
C THR C 121 16.30 2.73 3.35
N VAL C 122 17.19 2.44 2.42
CA VAL C 122 18.62 2.65 2.63
C VAL C 122 19.00 3.92 1.91
N SER C 123 19.49 4.90 2.67
CA SER C 123 19.63 6.27 2.21
C SER C 123 20.80 6.42 1.25
N SER C 124 20.86 7.59 0.61
CA SER C 124 21.92 7.92 -0.35
C SER C 124 23.20 8.36 0.33
N SER C 139 21.87 -22.55 -11.51
CA SER C 139 21.26 -21.52 -10.63
C SER C 139 19.70 -21.64 -10.64
N GLU C 140 18.97 -20.64 -10.09
CA GLU C 140 17.55 -20.80 -9.85
C GLU C 140 16.69 -20.91 -11.14
N ILE C 141 15.43 -21.21 -10.86
CA ILE C 141 14.38 -21.36 -11.86
C ILE C 141 13.76 -19.99 -12.06
N VAL C 142 13.76 -19.55 -13.31
CA VAL C 142 13.23 -18.26 -13.70
C VAL C 142 11.79 -18.43 -14.18
N LEU C 143 10.90 -17.59 -13.68
CA LEU C 143 9.49 -17.60 -14.08
C LEU C 143 9.21 -16.31 -14.84
N THR C 144 8.50 -16.44 -15.95
CA THR C 144 8.17 -15.32 -16.81
C THR C 144 6.66 -15.30 -17.03
N GLN C 145 6.03 -14.17 -16.77
CA GLN C 145 4.59 -14.05 -16.85
C GLN C 145 4.20 -13.26 -18.08
N SER C 146 3.00 -13.54 -18.59
CA SER C 146 2.43 -12.86 -19.74
C SER C 146 0.92 -12.73 -19.54
N PRO C 147 0.32 -11.56 -19.83
CA PRO C 147 1.01 -10.32 -20.22
C PRO C 147 1.65 -9.62 -19.02
N SER C 148 2.29 -8.48 -19.29
CA SER C 148 2.84 -7.63 -18.23
C SER C 148 1.73 -6.87 -17.52
N SER C 149 0.77 -6.37 -18.28
CA SER C 149 -0.38 -5.64 -17.75
C SER C 149 -1.52 -5.79 -18.73
N LEU C 150 -2.74 -5.64 -18.22
CA LEU C 150 -3.92 -5.73 -19.07
C LEU C 150 -5.06 -4.95 -18.41
N SER C 151 -5.97 -4.46 -19.24
CA SER C 151 -7.19 -3.83 -18.74
C SER C 151 -8.40 -4.58 -19.30
N ALA C 152 -9.39 -4.80 -18.44
CA ALA C 152 -10.58 -5.53 -18.84
C ALA C 152 -11.78 -4.97 -18.09
N SER C 153 -12.95 -5.47 -18.43
CA SER C 153 -14.18 -4.98 -17.86
C SER C 153 -14.75 -6.01 -16.89
N VAL C 154 -15.62 -5.54 -15.99
CA VAL C 154 -16.32 -6.45 -15.09
C VAL C 154 -17.08 -7.48 -15.92
N GLY C 155 -16.98 -8.74 -15.51
CA GLY C 155 -17.58 -9.85 -16.23
C GLY C 155 -16.69 -10.55 -17.23
N ASP C 156 -15.57 -9.94 -17.63
CA ASP C 156 -14.68 -10.50 -18.64
C ASP C 156 -13.87 -11.67 -18.08
N ARG C 157 -13.39 -12.53 -18.98
CA ARG C 157 -12.47 -13.59 -18.59
C ARG C 157 -11.05 -13.06 -18.75
N VAL C 158 -10.22 -13.29 -17.75
CA VAL C 158 -8.83 -12.84 -17.76
C VAL C 158 -7.95 -14.08 -17.69
N THR C 159 -6.92 -14.12 -18.54
CA THR C 159 -6.02 -15.25 -18.65
C THR C 159 -4.60 -14.75 -18.47
N ILE C 160 -3.84 -15.37 -17.55
CA ILE C 160 -2.46 -14.99 -17.28
C ILE C 160 -1.59 -16.24 -17.39
N THR C 161 -0.48 -16.14 -18.15
CA THR C 161 0.44 -17.24 -18.42
C THR C 161 1.68 -17.10 -17.56
N CYS C 162 2.17 -18.23 -17.03
CA CYS C 162 3.45 -18.33 -16.33
C CYS C 162 4.28 -19.43 -17.01
N ARG C 163 5.49 -19.10 -17.43
CA ARG C 163 6.39 -20.08 -18.02
C ARG C 163 7.62 -20.21 -17.14
N ALA C 164 8.08 -21.44 -16.91
CA ALA C 164 9.23 -21.72 -16.07
C ALA C 164 10.42 -22.11 -16.94
N SER C 165 11.63 -21.70 -16.54
CA SER C 165 12.82 -22.01 -17.33
C SER C 165 13.20 -23.49 -17.27
N GLN C 166 12.62 -24.24 -16.33
CA GLN C 166 12.81 -25.67 -16.11
C GLN C 166 11.48 -26.22 -15.67
N SER C 167 11.27 -27.52 -15.86
CA SER C 167 10.07 -28.17 -15.33
C SER C 167 10.01 -28.05 -13.81
N ILE C 168 8.83 -27.71 -13.31
CA ILE C 168 8.59 -27.59 -11.88
C ILE C 168 7.44 -28.49 -11.45
N SER C 169 7.12 -29.49 -12.27
CA SER C 169 6.00 -30.41 -12.06
C SER C 169 4.72 -29.65 -11.76
N SER C 170 4.12 -29.92 -10.61
CA SER C 170 2.88 -29.28 -10.18
C SER C 170 3.09 -28.11 -9.23
N TYR C 171 4.34 -27.79 -8.84
CA TYR C 171 4.54 -26.93 -7.67
C TYR C 171 4.66 -25.46 -8.07
N LEU C 172 3.54 -24.94 -8.54
CA LEU C 172 3.42 -23.57 -9.05
C LEU C 172 2.26 -22.94 -8.30
N ASN C 173 2.49 -21.79 -7.66
CA ASN C 173 1.45 -21.14 -6.87
C ASN C 173 1.19 -19.71 -7.35
N TRP C 174 -0.02 -19.20 -7.07
CA TRP C 174 -0.41 -17.88 -7.55
C TRP C 174 -0.80 -16.99 -6.37
N TYR C 175 -0.33 -15.74 -6.39
CA TYR C 175 -0.65 -14.75 -5.36
C TYR C 175 -1.28 -13.52 -5.97
N GLN C 176 -2.20 -12.92 -5.21
CA GLN C 176 -2.82 -11.66 -5.57
C GLN C 176 -2.29 -10.59 -4.64
N GLN C 177 -1.88 -9.46 -5.19
CA GLN C 177 -1.43 -8.34 -4.39
C GLN C 177 -2.18 -7.09 -4.81
N LYS C 178 -3.15 -6.66 -3.98
CA LYS C 178 -3.87 -5.45 -4.31
C LYS C 178 -3.00 -4.26 -3.93
N PRO C 179 -3.23 -3.10 -4.54
CA PRO C 179 -2.30 -1.96 -4.34
C PRO C 179 -2.18 -1.61 -2.87
N GLY C 180 -0.95 -1.65 -2.37
CA GLY C 180 -0.68 -1.31 -0.99
C GLY C 180 -0.87 -2.40 0.02
N LYS C 181 -1.38 -3.56 -0.37
CA LYS C 181 -1.69 -4.64 0.56
C LYS C 181 -0.61 -5.70 0.48
N ALA C 182 -0.63 -6.57 1.42
CA ALA C 182 0.20 -7.77 1.39
C ALA C 182 -0.34 -8.76 0.38
N PRO C 183 0.53 -9.58 -0.22
CA PRO C 183 0.05 -10.65 -1.10
C PRO C 183 -0.87 -11.62 -0.37
N LYS C 184 -1.81 -12.21 -1.12
CA LYS C 184 -2.68 -13.27 -0.62
C LYS C 184 -2.54 -14.49 -1.52
N LEU C 185 -2.46 -15.67 -0.92
CA LEU C 185 -2.41 -16.90 -1.69
C LEU C 185 -3.76 -17.11 -2.36
N LEU C 186 -3.76 -17.39 -3.67
CA LEU C 186 -4.97 -17.73 -4.41
C LEU C 186 -5.03 -19.21 -4.74
N ILE C 187 -3.98 -19.72 -5.35
CA ILE C 187 -3.93 -21.08 -5.90
C ILE C 187 -2.63 -21.71 -5.46
N TYR C 188 -2.70 -22.96 -5.03
CA TYR C 188 -1.48 -23.70 -4.73
C TYR C 188 -1.48 -25.02 -5.49
N ALA C 189 -0.27 -25.52 -5.72
CA ALA C 189 -0.03 -26.78 -6.45
C ALA C 189 -0.77 -26.76 -7.79
N ALA C 190 -0.61 -25.63 -8.48
CA ALA C 190 -1.09 -25.33 -9.83
C ALA C 190 -2.60 -25.11 -9.94
N SER C 191 -3.42 -25.85 -9.16
CA SER C 191 -4.86 -25.79 -9.37
C SER C 191 -5.72 -25.86 -8.12
N SER C 192 -5.16 -25.94 -6.92
CA SER C 192 -5.96 -26.01 -5.71
C SER C 192 -6.25 -24.61 -5.18
N LEU C 193 -7.51 -24.32 -4.86
CA LEU C 193 -7.88 -23.01 -4.33
C LEU C 193 -7.60 -22.92 -2.84
N GLN C 194 -6.98 -21.81 -2.43
CA GLN C 194 -6.82 -21.48 -1.03
C GLN C 194 -8.21 -21.25 -0.43
N SER C 195 -8.35 -21.54 0.85
CA SER C 195 -9.66 -21.37 1.48
C SER C 195 -10.06 -19.89 1.49
N GLY C 196 -11.32 -19.63 1.21
CA GLY C 196 -11.85 -18.30 1.14
C GLY C 196 -11.78 -17.64 -0.22
N VAL C 197 -11.06 -18.24 -1.15
CA VAL C 197 -10.89 -17.64 -2.47
C VAL C 197 -12.11 -17.96 -3.32
N PRO C 198 -12.73 -16.96 -3.96
CA PRO C 198 -13.93 -17.24 -4.75
C PRO C 198 -13.63 -18.16 -5.93
N SER C 199 -14.67 -18.88 -6.36
CA SER C 199 -14.59 -19.88 -7.40
C SER C 199 -14.27 -19.31 -8.77
N ARG C 200 -14.33 -17.99 -8.97
CA ARG C 200 -13.99 -17.52 -10.30
C ARG C 200 -12.49 -17.62 -10.60
N PHE C 201 -11.67 -17.87 -9.58
CA PHE C 201 -10.24 -18.08 -9.78
C PHE C 201 -9.99 -19.57 -10.01
N SER C 202 -9.24 -19.89 -11.07
CA SER C 202 -8.81 -21.27 -11.27
C SER C 202 -7.42 -21.26 -11.91
N GLY C 203 -6.70 -22.36 -11.70
CA GLY C 203 -5.40 -22.50 -12.31
C GLY C 203 -5.26 -23.85 -12.98
N SER C 204 -4.32 -23.92 -13.91
CA SER C 204 -4.06 -25.18 -14.60
C SER C 204 -2.62 -25.17 -15.10
N GLY C 205 -2.18 -26.32 -15.58
CA GLY C 205 -0.85 -26.45 -16.13
C GLY C 205 0.02 -27.37 -15.30
N SER C 206 1.20 -27.62 -15.86
CA SER C 206 2.21 -28.51 -15.27
C SER C 206 3.48 -28.32 -16.07
N GLY C 207 4.59 -28.80 -15.52
CA GLY C 207 5.86 -28.74 -16.21
C GLY C 207 6.43 -27.34 -16.29
N THR C 208 6.36 -26.71 -17.46
CA THR C 208 6.88 -25.37 -17.66
C THR C 208 5.81 -24.35 -18.04
N ASP C 209 4.54 -24.73 -18.05
CA ASP C 209 3.47 -23.97 -18.69
C ASP C 209 2.23 -23.99 -17.80
N PHE C 210 1.85 -22.81 -17.28
CA PHE C 210 0.79 -22.68 -16.29
C PHE C 210 -0.06 -21.47 -16.65
N THR C 211 -1.34 -21.53 -16.26
CA THR C 211 -2.29 -20.46 -16.56
C THR C 211 -3.19 -20.19 -15.36
N LEU C 212 -3.30 -18.92 -14.98
CA LEU C 212 -4.30 -18.45 -14.04
C LEU C 212 -5.46 -17.86 -14.86
N THR C 213 -6.69 -18.24 -14.53
CA THR C 213 -7.88 -17.70 -15.17
C THR C 213 -8.83 -17.11 -14.13
N ILE C 214 -9.31 -15.90 -14.39
CA ILE C 214 -10.43 -15.32 -13.66
C ILE C 214 -11.62 -15.39 -14.62
N SER C 215 -12.65 -16.15 -14.24
CA SER C 215 -13.71 -16.44 -15.20
C SER C 215 -14.61 -15.24 -15.44
N SER C 216 -14.88 -14.44 -14.41
CA SER C 216 -15.76 -13.29 -14.52
C SER C 216 -15.20 -12.20 -13.63
N LEU C 217 -14.46 -11.28 -14.23
CA LEU C 217 -13.72 -10.30 -13.47
C LEU C 217 -14.66 -9.39 -12.66
N GLN C 218 -14.31 -9.17 -11.40
CA GLN C 218 -15.15 -8.43 -10.47
C GLN C 218 -14.46 -7.12 -10.09
N PRO C 219 -15.22 -6.13 -9.59
CA PRO C 219 -14.63 -4.82 -9.29
C PRO C 219 -13.43 -4.90 -8.37
N GLU C 220 -13.40 -5.87 -7.47
CA GLU C 220 -12.37 -5.97 -6.44
C GLU C 220 -11.15 -6.77 -6.90
N ASP C 221 -11.11 -7.22 -8.15
CA ASP C 221 -10.02 -8.05 -8.66
C ASP C 221 -8.86 -7.24 -9.26
N PHE C 222 -8.92 -5.91 -9.27
CA PHE C 222 -7.80 -5.12 -9.77
C PHE C 222 -6.62 -5.28 -8.81
N ALA C 223 -5.49 -5.75 -9.34
CA ALA C 223 -4.36 -6.19 -8.52
C ALA C 223 -3.23 -6.63 -9.43
N THR C 224 -2.07 -6.91 -8.84
CA THR C 224 -0.96 -7.54 -9.54
C THR C 224 -0.90 -9.00 -9.09
N TYR C 225 -0.84 -9.91 -10.06
CA TYR C 225 -0.83 -11.35 -9.82
C TYR C 225 0.57 -11.90 -10.07
N TYR C 226 1.05 -12.75 -9.16
CA TYR C 226 2.38 -13.32 -9.23
C TYR C 226 2.29 -14.84 -9.23
N CYS C 227 3.06 -15.48 -10.10
CA CYS C 227 3.25 -16.91 -9.93
C CYS C 227 4.54 -17.15 -9.14
N GLN C 228 4.65 -18.34 -8.52
CA GLN C 228 5.94 -18.66 -7.90
C GLN C 228 6.07 -20.16 -7.75
N GLN C 229 7.30 -20.63 -7.91
CA GLN C 229 7.58 -22.05 -7.96
C GLN C 229 8.22 -22.51 -6.65
N SER C 230 7.79 -23.68 -6.20
CA SER C 230 8.30 -24.29 -4.99
C SER C 230 9.04 -25.60 -5.27
N TYR C 231 9.17 -25.99 -6.54
CA TYR C 231 9.78 -27.28 -6.87
C TYR C 231 11.23 -27.36 -6.42
N SER C 232 12.03 -26.37 -6.79
CA SER C 232 13.46 -26.39 -6.52
C SER C 232 13.75 -25.22 -5.60
N THR C 233 14.08 -25.51 -4.35
CA THR C 233 14.30 -24.49 -3.34
C THR C 233 15.41 -24.92 -2.41
N PRO C 234 16.09 -23.97 -1.76
CA PRO C 234 16.03 -22.52 -2.02
C PRO C 234 16.80 -22.21 -3.31
N PRO C 235 16.54 -21.05 -3.92
CA PRO C 235 15.54 -20.09 -3.45
C PRO C 235 14.13 -20.36 -4.01
N TRP C 236 13.12 -19.98 -3.25
CA TRP C 236 11.78 -19.80 -3.80
C TRP C 236 11.83 -18.61 -4.76
N THR C 237 11.30 -18.79 -5.97
CA THR C 237 11.33 -17.73 -6.98
C THR C 237 9.92 -17.39 -7.49
N PHE C 238 9.80 -16.15 -7.98
CA PHE C 238 8.54 -15.56 -8.43
C PHE C 238 8.68 -15.08 -9.86
N GLY C 239 7.55 -15.09 -10.58
CA GLY C 239 7.43 -14.33 -11.81
C GLY C 239 7.45 -12.83 -11.53
N GLN C 240 7.49 -12.05 -12.61
CA GLN C 240 7.65 -10.62 -12.42
C GLN C 240 6.33 -9.91 -12.19
N GLY C 241 5.21 -10.62 -12.28
CA GLY C 241 3.92 -10.01 -11.99
C GLY C 241 3.16 -9.61 -13.24
N THR C 242 1.83 -9.63 -13.14
CA THR C 242 0.93 -9.23 -14.21
C THR C 242 -0.10 -8.28 -13.60
N LYS C 243 -0.11 -7.02 -14.04
CA LYS C 243 -1.04 -6.07 -13.47
C LYS C 243 -2.39 -6.13 -14.19
N VAL C 244 -3.48 -6.26 -13.42
CA VAL C 244 -4.83 -6.31 -13.94
C VAL C 244 -5.56 -5.05 -13.52
N GLU C 245 -6.03 -4.28 -14.50
CA GLU C 245 -6.73 -3.02 -14.27
C GLU C 245 -8.15 -3.14 -14.82
N ILE C 246 -9.05 -2.33 -14.26
CA ILE C 246 -10.48 -2.56 -14.48
C ILE C 246 -11.06 -1.23 -14.97
N LYS C 247 -11.71 -1.24 -16.14
CA LYS C 247 -12.20 0.00 -16.76
C LYS C 247 -13.71 0.06 -16.89
N THR D 1 18.35 -48.66 17.19
CA THR D 1 18.44 -48.16 15.82
C THR D 1 19.56 -47.17 15.55
N ASN D 2 20.45 -47.60 14.67
CA ASN D 2 21.65 -46.85 14.32
C ASN D 2 21.33 -45.48 13.72
N LEU D 3 22.24 -44.55 13.90
CA LEU D 3 22.17 -43.29 13.20
C LEU D 3 22.69 -43.52 11.79
N CYS D 4 22.10 -42.85 10.80
CA CYS D 4 22.56 -43.06 9.43
C CYS D 4 23.99 -42.54 9.28
N PRO D 5 24.78 -43.17 8.41
CA PRO D 5 26.21 -42.83 8.30
C PRO D 5 26.50 -41.68 7.34
N PHE D 6 25.87 -40.52 7.58
CA PHE D 6 26.08 -39.37 6.69
C PHE D 6 27.53 -38.93 6.71
N GLY D 7 28.17 -39.00 7.88
CA GLY D 7 29.56 -38.61 7.96
C GLY D 7 30.45 -39.45 7.06
N GLU D 8 30.18 -40.76 6.99
CA GLU D 8 30.98 -41.63 6.14
C GLU D 8 30.87 -41.22 4.67
N VAL D 9 29.74 -40.66 4.26
CA VAL D 9 29.57 -40.20 2.87
C VAL D 9 30.20 -38.83 2.67
N PHE D 10 29.78 -37.86 3.44
CA PHE D 10 30.25 -36.46 3.23
C PHE D 10 31.73 -36.27 3.60
N ASN D 11 32.15 -36.95 4.68
CA ASN D 11 33.52 -36.83 5.23
C ASN D 11 34.43 -37.95 4.69
N ALA D 12 34.06 -38.62 3.59
CA ALA D 12 34.95 -39.67 3.05
C ALA D 12 36.29 -39.04 2.63
N THR D 13 37.39 -39.71 2.93
CA THR D 13 38.68 -39.11 2.57
C THR D 13 38.82 -39.01 1.06
N ARG D 14 38.44 -40.08 0.36
CA ARG D 14 38.54 -40.22 -1.09
C ARG D 14 37.14 -40.12 -1.69
N PHE D 15 36.95 -39.30 -2.74
CA PHE D 15 35.74 -39.45 -3.55
C PHE D 15 36.00 -40.09 -4.90
N ALA D 16 34.92 -40.58 -5.50
CA ALA D 16 34.93 -41.22 -6.80
C ALA D 16 35.04 -40.20 -7.94
N SER D 17 35.60 -40.64 -9.07
CA SER D 17 35.44 -39.91 -10.32
C SER D 17 33.97 -39.92 -10.75
N VAL D 18 33.55 -38.85 -11.43
CA VAL D 18 32.13 -38.74 -11.76
C VAL D 18 31.68 -39.86 -12.71
N TYR D 19 32.54 -40.30 -13.65
CA TYR D 19 32.13 -41.39 -14.52
C TYR D 19 31.88 -42.66 -13.71
N ALA D 20 32.58 -42.84 -12.59
CA ALA D 20 32.40 -44.03 -11.79
C ALA D 20 31.75 -43.68 -10.45
N TRP D 21 30.69 -42.86 -10.50
CA TRP D 21 30.14 -42.27 -9.29
C TRP D 21 29.75 -43.33 -8.25
N ASN D 22 30.00 -43.03 -6.99
CA ASN D 22 29.70 -43.94 -5.90
C ASN D 22 28.25 -43.82 -5.49
N ARG D 23 27.62 -44.94 -5.16
CA ARG D 23 26.29 -44.92 -4.56
C ARG D 23 26.34 -45.64 -3.22
N LYS D 24 25.88 -44.96 -2.18
CA LYS D 24 25.68 -45.63 -0.90
C LYS D 24 24.19 -45.68 -0.60
N ARG D 25 23.68 -46.88 -0.34
CA ARG D 25 22.29 -47.03 0.06
C ARG D 25 22.18 -46.77 1.56
N ILE D 26 21.31 -45.85 1.94
CA ILE D 26 21.04 -45.52 3.34
C ILE D 26 19.71 -46.15 3.71
N SER D 27 19.72 -47.01 4.73
CA SER D 27 18.56 -47.82 5.09
C SER D 27 18.55 -48.11 6.58
N ASN D 28 17.34 -48.31 7.13
CA ASN D 28 17.16 -48.86 8.48
C ASN D 28 17.95 -48.08 9.52
N CYS D 29 17.74 -46.77 9.54
CA CYS D 29 18.53 -45.93 10.44
C CYS D 29 17.79 -44.62 10.71
N VAL D 30 18.20 -43.96 11.79
CA VAL D 30 17.73 -42.61 12.09
C VAL D 30 18.63 -41.62 11.36
N ALA D 31 18.02 -40.76 10.52
CA ALA D 31 18.77 -39.84 9.68
C ALA D 31 18.83 -38.48 10.39
N ASP D 32 20.01 -38.14 10.92
CA ASP D 32 20.19 -36.86 11.62
C ASP D 32 20.74 -35.87 10.61
N TYR D 33 19.83 -35.13 9.98
CA TYR D 33 20.22 -34.17 8.96
C TYR D 33 20.82 -32.90 9.55
N SER D 34 20.91 -32.79 10.87
CA SER D 34 21.48 -31.57 11.45
C SER D 34 22.94 -31.39 11.04
N VAL D 35 23.66 -32.47 10.74
CA VAL D 35 25.04 -32.31 10.27
C VAL D 35 25.08 -31.59 8.94
N LEU D 36 23.97 -31.60 8.21
CA LEU D 36 23.91 -30.86 6.91
C LEU D 36 23.42 -29.43 7.14
N TYR D 37 22.41 -29.29 7.97
CA TYR D 37 21.81 -27.97 8.25
C TYR D 37 22.81 -27.06 8.99
N ASN D 38 23.61 -27.63 9.89
CA ASN D 38 24.57 -26.84 10.72
C ASN D 38 25.87 -26.54 9.98
N SER D 39 26.00 -26.94 8.71
CA SER D 39 27.23 -26.66 7.96
C SER D 39 27.22 -25.25 7.39
N ALA D 40 28.37 -24.60 7.48
CA ALA D 40 28.61 -23.32 6.82
C ALA D 40 29.49 -23.51 5.58
N SER D 41 29.72 -24.75 5.19
CA SER D 41 30.75 -25.08 4.23
C SER D 41 30.22 -25.48 2.85
N PHE D 42 28.91 -25.58 2.66
CA PHE D 42 28.36 -26.00 1.36
C PHE D 42 28.13 -24.78 0.49
N SER D 43 28.61 -24.85 -0.75
CA SER D 43 28.32 -23.80 -1.72
C SER D 43 27.00 -24.03 -2.44
N THR D 44 26.51 -25.27 -2.44
CA THR D 44 25.23 -25.64 -3.03
C THR D 44 24.52 -26.51 -2.02
N PHE D 45 23.26 -26.20 -1.75
CA PHE D 45 22.40 -27.06 -0.94
C PHE D 45 21.02 -26.80 -1.59
N LYS D 46 20.62 -27.65 -2.53
CA LYS D 46 19.38 -27.39 -3.25
C LYS D 46 18.52 -28.65 -3.34
N CYS D 47 17.23 -28.52 -3.04
CA CYS D 47 16.35 -29.67 -3.07
C CYS D 47 15.33 -29.57 -4.20
N TYR D 48 14.72 -30.71 -4.50
CA TYR D 48 13.81 -30.86 -5.63
C TYR D 48 12.64 -31.72 -5.18
N GLY D 49 11.43 -31.16 -5.25
CA GLY D 49 10.24 -31.92 -4.95
C GLY D 49 10.01 -32.24 -3.49
N VAL D 50 10.74 -31.59 -2.57
CA VAL D 50 10.60 -31.81 -1.14
C VAL D 50 10.90 -30.48 -0.45
N SER D 51 10.21 -30.20 0.65
CA SER D 51 10.55 -29.03 1.44
C SER D 51 11.97 -29.18 1.98
N PRO D 52 12.86 -28.22 1.73
CA PRO D 52 14.27 -28.42 2.12
C PRO D 52 14.53 -28.27 3.62
N THR D 53 13.58 -27.75 4.39
CA THR D 53 13.78 -27.46 5.79
C THR D 53 13.24 -28.53 6.73
N LYS D 54 12.56 -29.56 6.21
CA LYS D 54 11.82 -30.48 7.05
C LYS D 54 12.42 -31.88 7.12
N LEU D 55 13.67 -32.06 6.68
CA LEU D 55 14.22 -33.41 6.55
C LEU D 55 14.23 -34.17 7.90
N ASN D 56 14.50 -33.48 9.01
CA ASN D 56 14.47 -34.14 10.31
C ASN D 56 13.10 -34.63 10.74
N ASP D 57 12.03 -34.20 10.07
CA ASP D 57 10.67 -34.62 10.40
C ASP D 57 10.09 -35.61 9.39
N LEU D 58 10.89 -36.10 8.45
CA LEU D 58 10.39 -36.84 7.30
C LEU D 58 10.85 -38.29 7.36
N CYS D 59 10.02 -39.20 6.84
CA CYS D 59 10.36 -40.62 6.69
C CYS D 59 10.38 -41.02 5.23
N PHE D 60 11.40 -41.79 4.85
CA PHE D 60 11.55 -42.29 3.49
C PHE D 60 11.77 -43.80 3.53
N THR D 61 11.44 -44.46 2.43
CA THR D 61 11.68 -45.90 2.35
C THR D 61 13.17 -46.18 2.36
N ASN D 62 13.91 -45.45 1.54
CA ASN D 62 15.36 -45.48 1.48
C ASN D 62 15.86 -44.11 1.06
N VAL D 63 17.14 -43.85 1.34
CA VAL D 63 17.85 -42.70 0.81
C VAL D 63 19.08 -43.23 0.07
N TYR D 64 19.30 -42.75 -1.13
CA TYR D 64 20.54 -43.06 -1.81
C TYR D 64 21.41 -41.81 -1.80
N ALA D 65 22.70 -42.01 -1.52
CA ALA D 65 23.69 -40.92 -1.51
C ALA D 65 24.71 -41.24 -2.61
N ASP D 66 24.66 -40.47 -3.68
CA ASP D 66 25.59 -40.58 -4.78
C ASP D 66 26.66 -39.51 -4.61
N SER D 67 27.93 -39.86 -4.83
CA SER D 67 28.97 -38.88 -4.60
C SER D 67 30.09 -39.01 -5.61
N PHE D 68 30.72 -37.88 -5.91
CA PHE D 68 31.72 -37.78 -6.98
C PHE D 68 32.32 -36.38 -7.00
N VAL D 69 33.30 -36.17 -7.87
CA VAL D 69 33.98 -34.89 -8.02
C VAL D 69 33.79 -34.39 -9.46
N ILE D 70 33.51 -33.11 -9.60
CA ILE D 70 33.44 -32.42 -10.89
C ILE D 70 34.02 -31.02 -10.75
N ARG D 71 34.04 -30.28 -11.86
CA ARG D 71 34.40 -28.86 -11.88
C ARG D 71 33.31 -27.99 -11.26
N GLY D 72 33.73 -26.86 -10.69
CA GLY D 72 32.77 -25.92 -10.12
C GLY D 72 31.68 -25.50 -11.10
N ASP D 73 32.07 -25.16 -12.34
CA ASP D 73 31.07 -24.67 -13.29
C ASP D 73 30.19 -25.79 -13.83
N GLU D 74 30.36 -27.02 -13.36
CA GLU D 74 29.54 -28.18 -13.74
C GLU D 74 28.53 -28.57 -12.68
N VAL D 75 28.62 -28.02 -11.47
CA VAL D 75 27.62 -28.32 -10.45
C VAL D 75 26.21 -27.98 -10.93
N ARG D 76 26.06 -26.95 -11.77
CA ARG D 76 24.76 -26.64 -12.38
C ARG D 76 24.18 -27.81 -13.18
N GLN D 77 25.02 -28.72 -13.69
CA GLN D 77 24.51 -29.85 -14.44
C GLN D 77 23.90 -30.94 -13.56
N ILE D 78 24.15 -30.88 -12.25
CA ILE D 78 23.66 -31.91 -11.32
C ILE D 78 22.28 -31.44 -10.85
N ALA D 79 21.31 -31.59 -11.74
CA ALA D 79 19.94 -31.13 -11.54
C ALA D 79 19.08 -31.77 -12.63
N PRO D 80 17.78 -31.95 -12.41
CA PRO D 80 16.91 -32.40 -13.50
C PRO D 80 16.98 -31.45 -14.69
N GLY D 81 16.89 -32.02 -15.89
CA GLY D 81 16.67 -31.23 -17.09
C GLY D 81 17.89 -30.50 -17.62
N GLN D 82 19.10 -30.95 -17.31
CA GLN D 82 20.31 -30.26 -17.71
C GLN D 82 20.99 -31.02 -18.83
N THR D 83 21.87 -30.31 -19.55
CA THR D 83 22.67 -30.90 -20.61
C THR D 83 24.13 -30.50 -20.39
N GLY D 84 25.03 -31.15 -21.11
CA GLY D 84 26.47 -30.99 -20.96
C GLY D 84 27.14 -32.34 -20.80
N LYS D 85 28.48 -32.29 -20.79
CA LYS D 85 29.26 -33.54 -20.67
C LYS D 85 28.85 -34.35 -19.45
N ILE D 86 28.63 -33.67 -18.32
CA ILE D 86 28.37 -34.40 -17.08
C ILE D 86 26.95 -34.96 -17.10
N ALA D 87 25.96 -34.12 -17.39
CA ALA D 87 24.58 -34.62 -17.45
C ALA D 87 24.43 -35.66 -18.57
N ASP D 88 25.03 -35.41 -19.75
CA ASP D 88 24.78 -36.33 -20.86
C ASP D 88 25.54 -37.65 -20.73
N TYR D 89 26.82 -37.63 -20.31
CA TYR D 89 27.65 -38.82 -20.36
C TYR D 89 28.10 -39.40 -19.02
N ASN D 90 27.84 -38.73 -17.90
CA ASN D 90 28.44 -39.17 -16.64
C ASN D 90 27.42 -39.42 -15.54
N TYR D 91 26.58 -38.45 -15.21
CA TYR D 91 25.61 -38.59 -14.13
C TYR D 91 24.35 -37.80 -14.49
N LYS D 92 23.23 -38.51 -14.63
CA LYS D 92 22.00 -37.95 -15.18
C LYS D 92 20.90 -38.02 -14.13
N LEU D 93 20.30 -36.83 -13.78
CA LEU D 93 19.12 -36.93 -12.92
C LEU D 93 17.84 -36.96 -13.73
N PRO D 94 16.80 -37.62 -13.20
CA PRO D 94 15.51 -37.68 -13.90
C PRO D 94 14.72 -36.38 -13.76
N ASP D 95 13.73 -36.23 -14.67
CA ASP D 95 13.04 -34.96 -14.86
C ASP D 95 12.24 -34.53 -13.64
N ASP D 96 11.71 -35.49 -12.90
CA ASP D 96 10.86 -35.24 -11.73
C ASP D 96 11.59 -35.55 -10.42
N PHE D 97 12.91 -35.37 -10.40
CA PHE D 97 13.75 -35.83 -9.29
C PHE D 97 13.15 -35.43 -7.95
N THR D 98 13.27 -36.32 -6.96
CA THR D 98 12.90 -35.99 -5.59
C THR D 98 14.14 -36.19 -4.71
N GLY D 99 14.74 -35.10 -4.26
CA GLY D 99 15.96 -35.23 -3.51
C GLY D 99 16.65 -33.89 -3.34
N CYS D 100 17.88 -33.94 -2.85
CA CYS D 100 18.67 -32.73 -2.64
C CYS D 100 20.06 -32.91 -3.20
N VAL D 101 20.62 -31.80 -3.68
CA VAL D 101 21.97 -31.78 -4.23
C VAL D 101 22.82 -30.86 -3.35
N ILE D 102 23.98 -31.36 -2.93
CA ILE D 102 24.87 -30.61 -2.05
C ILE D 102 26.26 -30.64 -2.64
N ALA D 103 26.95 -29.50 -2.62
CA ALA D 103 28.30 -29.45 -3.14
C ALA D 103 29.13 -28.47 -2.33
N TRP D 104 30.46 -28.67 -2.36
CA TRP D 104 31.39 -27.76 -1.71
C TRP D 104 32.73 -27.80 -2.45
N ASN D 105 33.45 -26.68 -2.41
CA ASN D 105 34.75 -26.56 -3.06
C ASN D 105 35.75 -27.50 -2.37
N SER D 106 36.47 -28.28 -3.17
CA SER D 106 37.44 -29.24 -2.62
C SER D 106 38.85 -29.01 -3.17
N ASN D 107 39.17 -27.75 -3.47
CA ASN D 107 40.46 -27.42 -4.07
C ASN D 107 41.63 -27.87 -3.19
N ASN D 108 41.48 -27.77 -1.87
CA ASN D 108 42.61 -28.11 -1.03
C ASN D 108 42.87 -29.60 -0.97
N LEU D 109 41.88 -30.43 -1.31
CA LEU D 109 42.06 -31.88 -1.29
C LEU D 109 42.30 -32.50 -2.66
N ASP D 110 41.71 -31.94 -3.73
CA ASP D 110 41.58 -32.68 -4.98
C ASP D 110 42.34 -32.08 -6.14
N SER D 111 42.98 -30.94 -5.97
CA SER D 111 43.90 -30.41 -6.96
C SER D 111 45.31 -30.77 -6.57
N LYS D 112 46.25 -30.70 -7.52
CA LYS D 112 47.64 -30.77 -7.09
C LYS D 112 48.52 -30.04 -8.11
N VAL D 113 49.69 -29.62 -7.63
CA VAL D 113 50.56 -28.83 -8.48
C VAL D 113 50.96 -29.69 -9.67
N GLY D 114 50.94 -29.10 -10.85
CA GLY D 114 51.16 -29.88 -12.05
C GLY D 114 49.98 -30.72 -12.48
N GLY D 115 48.90 -30.76 -11.69
CA GLY D 115 47.67 -31.37 -12.13
C GLY D 115 47.36 -32.69 -11.47
N ASN D 116 46.13 -32.83 -10.98
CA ASN D 116 45.65 -34.09 -10.45
C ASN D 116 45.11 -34.92 -11.61
N TYR D 117 45.74 -36.05 -11.88
CA TYR D 117 45.35 -36.89 -13.01
C TYR D 117 44.37 -37.98 -12.62
N ASN D 118 44.01 -38.07 -11.34
CA ASN D 118 43.20 -39.19 -10.87
C ASN D 118 41.71 -38.99 -11.12
N TYR D 119 41.21 -37.77 -11.13
CA TYR D 119 39.78 -37.54 -11.38
C TYR D 119 39.49 -37.44 -12.87
N LEU D 120 38.58 -38.30 -13.33
CA LEU D 120 38.25 -38.45 -14.75
C LEU D 120 36.78 -38.13 -14.99
N TYR D 121 36.45 -37.75 -16.23
CA TYR D 121 35.08 -37.72 -16.70
C TYR D 121 35.01 -38.33 -18.10
N ARG D 122 33.83 -38.83 -18.47
CA ARG D 122 33.65 -39.42 -19.79
C ARG D 122 33.40 -38.30 -20.79
N LEU D 123 34.31 -38.17 -21.75
CA LEU D 123 34.30 -37.07 -22.71
C LEU D 123 33.56 -37.42 -24.00
N PHE D 124 33.53 -38.71 -24.36
CA PHE D 124 32.91 -39.20 -25.58
C PHE D 124 31.94 -40.32 -25.25
N ARG D 125 30.79 -40.32 -25.93
CA ARG D 125 29.84 -41.41 -25.78
C ARG D 125 28.90 -41.40 -26.98
N LYS D 126 28.48 -42.60 -27.39
CA LYS D 126 27.60 -42.76 -28.55
C LYS D 126 26.15 -42.35 -28.27
N SER D 127 25.73 -42.29 -27.01
CA SER D 127 24.37 -41.89 -26.67
C SER D 127 24.38 -41.31 -25.26
N ASN D 128 23.31 -40.60 -24.90
CA ASN D 128 23.23 -40.04 -23.56
C ASN D 128 22.82 -41.11 -22.56
N LEU D 129 23.20 -40.88 -21.30
CA LEU D 129 22.83 -41.81 -20.24
C LEU D 129 21.36 -41.65 -19.91
N LYS D 130 20.76 -42.73 -19.44
CA LYS D 130 19.46 -42.71 -18.78
C LYS D 130 19.64 -42.19 -17.34
N PRO D 131 18.58 -41.74 -16.68
CA PRO D 131 18.73 -41.29 -15.29
C PRO D 131 19.27 -42.39 -14.40
N PHE D 132 20.24 -42.03 -13.55
CA PHE D 132 20.95 -42.92 -12.63
C PHE D 132 21.67 -44.08 -13.33
N GLU D 133 21.94 -43.98 -14.62
CA GLU D 133 22.82 -44.94 -15.27
C GLU D 133 24.29 -44.63 -14.96
N ARG D 134 25.09 -45.69 -14.83
CA ARG D 134 26.53 -45.60 -14.68
C ARG D 134 27.21 -46.37 -15.80
N ASP D 135 28.15 -45.72 -16.47
CA ASP D 135 28.94 -46.33 -17.53
C ASP D 135 30.40 -46.25 -17.09
N ILE D 136 30.99 -47.40 -16.76
CA ILE D 136 32.41 -47.48 -16.44
C ILE D 136 33.20 -48.22 -17.52
N SER D 137 32.61 -48.42 -18.69
CA SER D 137 33.34 -49.11 -19.75
C SER D 137 34.45 -48.21 -20.29
N THR D 138 35.42 -48.82 -20.96
CA THR D 138 36.53 -48.05 -21.54
C THR D 138 36.75 -48.43 -22.99
N GLU D 139 35.65 -48.63 -23.72
CA GLU D 139 35.73 -48.89 -25.16
C GLU D 139 36.38 -47.72 -25.87
N ILE D 140 37.28 -48.01 -26.80
CA ILE D 140 37.84 -46.96 -27.64
C ILE D 140 36.72 -46.31 -28.45
N TYR D 141 36.79 -44.98 -28.57
CA TYR D 141 35.77 -44.19 -29.25
C TYR D 141 36.22 -43.87 -30.67
N GLN D 142 35.39 -44.23 -31.64
CA GLN D 142 35.68 -43.97 -33.04
C GLN D 142 35.29 -42.55 -33.39
N ALA D 143 36.29 -41.68 -33.53
CA ALA D 143 36.02 -40.31 -33.92
C ALA D 143 36.08 -40.10 -35.42
N GLY D 144 36.77 -40.98 -36.15
CA GLY D 144 36.83 -40.93 -37.59
C GLY D 144 35.89 -41.93 -38.24
N SER D 145 36.01 -42.04 -39.57
CA SER D 145 35.14 -42.95 -40.30
C SER D 145 35.60 -44.40 -40.25
N THR D 146 36.86 -44.65 -39.93
CA THR D 146 37.42 -46.00 -39.94
C THR D 146 37.27 -46.65 -38.56
N PRO D 147 36.89 -47.94 -38.51
CA PRO D 147 36.75 -48.63 -37.21
C PRO D 147 38.08 -48.70 -36.46
N CYS D 148 37.98 -48.71 -35.13
CA CYS D 148 39.14 -48.70 -34.26
C CYS D 148 39.63 -50.08 -33.87
N ASN D 149 38.78 -51.10 -33.96
CA ASN D 149 39.12 -52.48 -33.59
C ASN D 149 39.72 -52.55 -32.19
N GLY D 150 39.20 -51.71 -31.29
CA GLY D 150 39.63 -51.71 -29.90
C GLY D 150 41.03 -51.20 -29.66
N VAL D 151 41.57 -50.39 -30.57
CA VAL D 151 42.97 -49.96 -30.51
C VAL D 151 43.03 -48.44 -30.50
N GLU D 152 43.65 -47.90 -29.46
CA GLU D 152 43.92 -46.47 -29.41
C GLU D 152 44.87 -46.08 -30.54
N GLY D 153 44.56 -44.99 -31.21
CA GLY D 153 45.40 -44.57 -32.31
C GLY D 153 44.95 -43.24 -32.85
N PHE D 154 45.35 -42.93 -34.07
CA PHE D 154 44.86 -41.71 -34.74
C PHE D 154 43.35 -41.90 -34.89
N ASN D 155 42.59 -40.86 -34.52
CA ASN D 155 41.14 -40.85 -34.70
C ASN D 155 40.41 -41.86 -33.81
N CYS D 156 41.09 -42.48 -32.85
CA CYS D 156 40.53 -43.55 -32.03
C CYS D 156 40.91 -43.32 -30.57
N TYR D 157 40.00 -42.75 -29.79
CA TYR D 157 40.36 -42.10 -28.53
C TYR D 157 39.88 -42.87 -27.31
N PHE D 158 40.71 -42.86 -26.28
CA PHE D 158 40.28 -43.33 -24.98
C PHE D 158 39.17 -42.41 -24.50
N PRO D 159 38.05 -42.95 -24.02
CA PRO D 159 36.84 -42.12 -23.82
C PRO D 159 36.81 -41.34 -22.53
N LEU D 160 37.73 -41.58 -21.59
CA LEU D 160 37.73 -40.88 -20.32
C LEU D 160 38.80 -39.80 -20.32
N GLN D 161 38.44 -38.62 -19.81
CA GLN D 161 39.30 -37.44 -19.86
C GLN D 161 39.67 -37.00 -18.46
N SER D 162 40.95 -36.66 -18.27
CA SER D 162 41.42 -36.20 -16.97
C SER D 162 41.13 -34.71 -16.77
N TYR D 163 40.64 -34.35 -15.57
CA TYR D 163 40.43 -32.94 -15.26
C TYR D 163 41.75 -32.20 -15.09
N GLY D 164 42.75 -32.87 -14.51
CA GLY D 164 44.03 -32.25 -14.26
C GLY D 164 43.99 -31.07 -13.30
N PHE D 165 43.17 -31.17 -12.24
CA PHE D 165 43.00 -30.06 -11.31
C PHE D 165 44.33 -29.55 -10.77
N GLN D 166 44.52 -28.23 -10.86
CA GLN D 166 45.68 -27.51 -10.35
C GLN D 166 45.18 -26.41 -9.41
N PRO D 167 45.88 -26.18 -8.29
CA PRO D 167 45.31 -25.32 -7.24
C PRO D 167 45.15 -23.87 -7.65
N THR D 168 45.91 -23.39 -8.64
CA THR D 168 45.78 -22.01 -9.10
C THR D 168 44.68 -21.78 -10.13
N ASN D 169 43.96 -22.81 -10.56
CA ASN D 169 42.88 -22.57 -11.51
C ASN D 169 41.82 -21.68 -10.88
N GLY D 170 41.10 -20.94 -11.72
CA GLY D 170 39.98 -20.14 -11.24
C GLY D 170 38.89 -20.99 -10.62
N VAL D 171 38.00 -20.33 -9.88
CA VAL D 171 37.09 -21.06 -8.99
C VAL D 171 36.14 -21.96 -9.78
N GLY D 172 35.67 -21.50 -10.93
CA GLY D 172 34.82 -22.34 -11.77
C GLY D 172 35.53 -23.56 -12.32
N TYR D 173 36.86 -23.57 -12.33
CA TYR D 173 37.64 -24.70 -12.80
C TYR D 173 38.18 -25.57 -11.67
N GLN D 174 37.89 -25.24 -10.41
CA GLN D 174 38.40 -26.03 -9.30
C GLN D 174 37.51 -27.25 -9.05
N PRO D 175 38.03 -28.26 -8.35
CA PRO D 175 37.20 -29.44 -8.07
C PRO D 175 36.16 -29.14 -6.99
N TYR D 176 35.00 -29.75 -7.14
CA TYR D 176 33.94 -29.69 -6.14
C TYR D 176 33.49 -31.10 -5.84
N ARG D 177 33.32 -31.38 -4.56
CA ARG D 177 32.77 -32.66 -4.13
C ARG D 177 31.26 -32.50 -4.07
N VAL D 178 30.55 -33.49 -4.62
CA VAL D 178 29.08 -33.44 -4.74
C VAL D 178 28.49 -34.66 -4.06
N VAL D 179 27.40 -34.46 -3.34
CA VAL D 179 26.59 -35.55 -2.81
C VAL D 179 25.16 -35.31 -3.26
N VAL D 180 24.57 -36.30 -3.93
CA VAL D 180 23.18 -36.26 -4.33
C VAL D 180 22.42 -37.22 -3.42
N LEU D 181 21.45 -36.68 -2.69
CA LEU D 181 20.59 -37.50 -1.85
C LEU D 181 19.26 -37.66 -2.58
N SER D 182 18.91 -38.88 -2.96
CA SER D 182 17.59 -39.09 -3.53
C SER D 182 16.70 -39.83 -2.53
N PHE D 183 15.49 -39.31 -2.36
CA PHE D 183 14.55 -39.78 -1.34
C PHE D 183 13.52 -40.66 -2.01
N GLU D 184 13.39 -41.88 -1.52
CA GLU D 184 12.47 -42.83 -2.11
C GLU D 184 11.18 -42.77 -1.31
N LEU D 185 10.08 -42.41 -1.95
CA LEU D 185 8.77 -42.31 -1.31
C LEU D 185 7.93 -43.48 -1.79
N LEU D 186 8.30 -44.68 -1.38
CA LEU D 186 7.51 -45.82 -1.81
C LEU D 186 6.36 -46.10 -0.86
N HIS D 187 5.53 -47.04 -1.28
CA HIS D 187 4.39 -47.48 -0.51
C HIS D 187 4.73 -48.59 0.47
N ALA D 188 5.98 -49.09 0.46
CA ALA D 188 6.49 -49.95 1.53
C ALA D 188 6.76 -49.14 2.81
N PRO D 189 6.88 -49.81 3.96
CA PRO D 189 7.13 -49.06 5.19
C PRO D 189 8.44 -48.29 5.13
N ALA D 190 8.47 -47.15 5.82
CA ALA D 190 9.68 -46.33 5.85
C ALA D 190 10.76 -47.00 6.68
N THR D 191 12.02 -46.85 6.26
CA THR D 191 13.14 -47.32 7.08
C THR D 191 14.18 -46.24 7.38
N VAL D 192 14.02 -45.03 6.84
CA VAL D 192 14.95 -43.92 7.10
C VAL D 192 14.12 -42.75 7.56
N CYS D 193 14.13 -42.48 8.87
CA CYS D 193 13.32 -41.43 9.46
C CYS D 193 14.21 -40.43 10.18
N GLY D 194 13.81 -39.17 10.17
CA GLY D 194 14.51 -38.15 10.91
C GLY D 194 14.25 -38.31 12.40
N PRO D 195 15.02 -37.62 13.23
CA PRO D 195 14.91 -37.83 14.69
C PRO D 195 13.58 -37.38 15.25
N LYS D 196 12.84 -36.50 14.59
CA LYS D 196 11.58 -36.04 15.15
C LYS D 196 10.41 -36.94 14.77
N LYS D 197 10.70 -38.02 14.05
CA LYS D 197 9.67 -39.03 13.70
C LYS D 197 10.13 -40.39 14.27
C1 NAG E . 32.34 -33.98 9.05
C2 NAG E . 30.94 -33.76 9.58
C3 NAG E . 30.77 -32.65 10.61
C4 NAG E . 31.87 -32.78 11.62
C5 NAG E . 33.20 -32.85 10.93
C6 NAG E . 34.33 -32.76 11.96
C7 NAG E . 29.10 -34.22 8.11
C8 NAG E . 28.34 -33.65 7.00
N2 NAG E . 30.05 -33.46 8.53
O3 NAG E . 29.50 -32.68 11.22
O4 NAG E . 31.89 -31.61 12.37
O5 NAG E . 33.24 -34.00 10.12
O6 NAG E . 34.42 -33.84 12.84
O7 NAG E . 28.84 -35.28 8.56
#